data_3DNO
#
_entry.id   3DNO
#
_cell.length_a   1.000
_cell.length_b   1.000
_cell.length_c   1.000
_cell.angle_alpha   90.00
_cell.angle_beta   90.00
_cell.angle_gamma   90.00
#
_symmetry.space_group_name_H-M   'P 1'
#
loop_
_entity.id
_entity.type
_entity.pdbx_description
1 polymer 'HIV-1 envelope glycoprotein gp120'
2 polymer 'HIV-1 envelope glycoprotein gp120'
3 polymer 'HIV-1 envelope glycoprotein gp120'
#
loop_
_entity_poly.entity_id
_entity_poly.type
_entity_poly.pdbx_seq_one_letter_code
_entity_poly.pdbx_strand_id
1 'polypeptide(L)' TENFNMWKNDMVEQMHEDIISLWDQSLKPCVKLTP A,D,G
2 'polypeptide(L)'
;TSVITQACPKVSFEPIPIHYCAPAGFAILKCNNKTFNGTGPCTNVSTVQCTHGIRPVVSTQLLLNGSLAEEEVVIRSVNF
TDNAKTIIVQLNTSVEINCTGAGHCNISRAKWNNTLKQIASKLREQFGNNKTIIFKQSSGGDPEIVTHSFNCGGEFFYCN
STQLFNSTWF
;
B,E,H
3 'polypeptide(L)'
;GSDTITLPCRIKQIINMWQKVGKAMYAPPISGQIRCSSNITGLLLTRDGGNSNNESEIFRPGGGDMRDNWRSELYKYKVV
KIE
;
C,F,I
#
# COMPACT_ATOMS: atom_id res chain seq x y z
N THR A 1 6.05 42.05 -0.25
CA THR A 1 4.79 42.77 -0.23
C THR A 1 4.68 43.68 -1.46
N GLU A 2 3.69 44.58 -1.47
CA GLU A 2 3.47 45.50 -2.57
C GLU A 2 3.51 44.71 -3.87
N ASN A 3 2.42 43.98 -4.13
CA ASN A 3 2.33 43.14 -5.33
C ASN A 3 1.15 43.49 -6.20
N PHE A 4 1.02 42.81 -7.33
CA PHE A 4 -0.06 43.06 -8.26
C PHE A 4 -1.03 41.89 -8.46
N ASN A 5 -2.32 42.23 -8.56
CA ASN A 5 -3.41 41.28 -8.77
C ASN A 5 -4.39 41.92 -9.79
N MET A 6 -5.31 41.13 -10.36
CA MET A 6 -6.27 41.67 -11.34
C MET A 6 -7.43 40.74 -11.78
N TRP A 7 -8.23 41.25 -12.72
CA TRP A 7 -9.38 40.56 -13.32
C TRP A 7 -8.92 39.48 -14.30
N LYS A 8 -7.93 38.70 -13.87
CA LYS A 8 -7.36 37.65 -14.70
C LYS A 8 -7.67 36.27 -14.10
N ASN A 9 -6.81 35.79 -13.20
CA ASN A 9 -7.05 34.48 -12.63
C ASN A 9 -6.40 34.17 -11.28
N ASP A 10 -6.03 32.90 -11.13
CA ASP A 10 -5.37 32.29 -9.97
C ASP A 10 -5.84 30.86 -10.15
N MET A 11 -7.16 30.71 -10.12
CA MET A 11 -7.81 29.44 -10.30
C MET A 11 -9.08 29.63 -11.12
N VAL A 12 -9.29 30.81 -11.69
CA VAL A 12 -10.51 31.02 -12.48
C VAL A 12 -10.56 29.97 -13.60
N GLU A 13 -9.53 29.90 -14.43
CA GLU A 13 -9.50 28.91 -15.51
C GLU A 13 -9.36 27.51 -14.94
N GLN A 14 -8.57 27.37 -13.87
CA GLN A 14 -8.33 26.08 -13.21
C GLN A 14 -9.62 25.55 -12.62
N MET A 15 -10.16 26.27 -11.64
CA MET A 15 -11.42 25.94 -10.97
C MET A 15 -12.49 25.60 -12.02
N HIS A 16 -12.71 26.51 -12.96
CA HIS A 16 -13.70 26.30 -14.02
C HIS A 16 -13.59 24.89 -14.58
N GLU A 17 -12.37 24.46 -14.90
CA GLU A 17 -12.14 23.13 -15.43
C GLU A 17 -12.32 22.04 -14.38
N ASP A 18 -12.12 22.36 -13.11
CA ASP A 18 -12.32 21.36 -12.07
C ASP A 18 -13.81 21.14 -11.89
N ILE A 19 -14.55 22.24 -11.81
CA ILE A 19 -16.01 22.24 -11.67
C ILE A 19 -16.69 21.62 -12.89
N ILE A 20 -16.22 21.95 -14.10
CA ILE A 20 -16.80 21.34 -15.28
C ILE A 20 -16.57 19.83 -15.18
N SER A 21 -15.40 19.43 -14.72
CA SER A 21 -15.08 18.01 -14.61
C SER A 21 -15.71 17.37 -13.38
N LEU A 22 -16.26 18.20 -12.50
CA LEU A 22 -16.89 17.69 -11.28
C LEU A 22 -18.34 17.40 -11.62
N TRP A 23 -18.97 18.34 -12.31
CA TRP A 23 -20.35 18.21 -12.71
C TRP A 23 -20.52 16.96 -13.55
N ASP A 24 -19.64 16.78 -14.54
CA ASP A 24 -19.68 15.63 -15.41
C ASP A 24 -19.78 14.31 -14.62
N GLN A 25 -18.88 14.12 -13.65
CA GLN A 25 -18.86 12.90 -12.84
C GLN A 25 -20.09 12.76 -11.93
N SER A 26 -20.76 13.88 -11.65
CA SER A 26 -21.93 13.87 -10.79
C SER A 26 -23.26 13.87 -11.53
N LEU A 27 -23.72 15.07 -11.93
CA LEU A 27 -25.00 15.23 -12.63
C LEU A 27 -24.98 14.77 -14.08
N LYS A 28 -25.11 13.46 -14.29
CA LYS A 28 -25.12 12.88 -15.63
C LYS A 28 -26.48 13.00 -16.34
N PRO A 29 -26.48 13.54 -17.57
CA PRO A 29 -27.70 13.71 -18.34
C PRO A 29 -27.75 12.79 -19.55
N CYS A 30 -28.15 13.40 -20.67
CA CYS A 30 -28.27 12.76 -21.97
C CYS A 30 -27.96 13.99 -22.87
N VAL A 31 -26.65 14.25 -22.99
CA VAL A 31 -26.02 15.37 -23.71
C VAL A 31 -26.23 15.51 -25.21
N LYS A 32 -25.98 16.70 -25.73
CA LYS A 32 -26.10 16.99 -27.15
C LYS A 32 -25.33 18.29 -27.45
N LEU A 33 -24.14 18.16 -28.03
CA LEU A 33 -23.27 19.29 -28.34
C LEU A 33 -22.95 19.37 -29.84
N THR A 34 -22.82 20.60 -30.35
CA THR A 34 -22.55 20.82 -31.77
C THR A 34 -21.15 21.11 -32.30
N PRO A 35 -20.56 20.16 -33.04
CA PRO A 35 -19.23 20.30 -33.64
C PRO A 35 -19.54 20.72 -35.08
N THR B 1 -22.59 16.29 -34.91
CA THR B 1 -23.43 16.92 -33.89
C THR B 1 -23.64 15.76 -32.93
N SER B 2 -22.72 15.64 -31.98
CA SER B 2 -22.72 14.55 -31.03
C SER B 2 -23.84 14.49 -30.00
N VAL B 3 -24.61 13.42 -30.04
CA VAL B 3 -25.69 13.19 -29.08
C VAL B 3 -25.17 12.07 -28.21
N ILE B 4 -25.44 12.12 -26.92
CA ILE B 4 -24.99 11.07 -26.01
C ILE B 4 -26.14 10.67 -25.09
N THR B 5 -26.45 9.39 -25.12
CA THR B 5 -27.51 8.84 -24.32
C THR B 5 -26.93 8.07 -23.14
N GLN B 6 -26.79 8.76 -22.02
CA GLN B 6 -26.25 8.13 -20.83
C GLN B 6 -27.43 7.72 -20.00
N ALA B 7 -27.19 6.83 -19.05
CA ALA B 7 -28.25 6.38 -18.16
C ALA B 7 -28.49 7.58 -17.25
N CYS B 8 -29.28 8.53 -17.75
CA CYS B 8 -29.65 9.75 -17.04
C CYS B 8 -30.13 9.31 -15.65
N PRO B 9 -29.34 9.58 -14.58
CA PRO B 9 -29.72 9.19 -13.22
C PRO B 9 -30.13 10.28 -12.23
N LYS B 10 -31.05 9.93 -11.34
CA LYS B 10 -31.54 10.85 -10.32
C LYS B 10 -30.63 10.88 -9.11
N VAL B 11 -29.54 11.64 -9.21
CA VAL B 11 -28.59 11.76 -8.12
C VAL B 11 -28.84 13.11 -7.45
N SER B 12 -28.13 13.35 -6.36
CA SER B 12 -28.24 14.59 -5.59
C SER B 12 -26.88 15.30 -5.63
N PHE B 13 -26.85 16.49 -6.23
CA PHE B 13 -25.62 17.24 -6.34
C PHE B 13 -25.40 18.09 -5.08
N GLU B 14 -24.28 17.87 -4.40
CA GLU B 14 -23.98 18.64 -3.19
C GLU B 14 -22.63 19.32 -3.31
N PRO B 15 -22.52 20.57 -2.85
CA PRO B 15 -21.28 21.34 -2.92
C PRO B 15 -20.31 21.07 -1.78
N ILE B 16 -19.10 20.67 -2.13
CA ILE B 16 -18.04 20.41 -1.16
C ILE B 16 -17.11 21.60 -1.22
N PRO B 17 -16.90 22.31 -0.09
CA PRO B 17 -16.01 23.47 -0.11
C PRO B 17 -14.67 23.01 -0.69
N ILE B 18 -14.24 23.66 -1.76
CA ILE B 18 -12.99 23.30 -2.38
C ILE B 18 -11.88 24.26 -2.01
N HIS B 19 -10.78 23.71 -1.49
CA HIS B 19 -9.64 24.51 -1.11
C HIS B 19 -8.65 24.41 -2.25
N TYR B 20 -8.11 25.54 -2.69
CA TYR B 20 -7.10 25.52 -3.74
C TYR B 20 -5.78 25.97 -3.15
N CYS B 21 -4.84 25.03 -3.13
CA CYS B 21 -3.52 25.28 -2.56
C CYS B 21 -2.51 25.61 -3.65
N ALA B 22 -1.26 25.84 -3.24
CA ALA B 22 -0.20 26.17 -4.19
C ALA B 22 0.06 25.06 -5.23
N PRO B 23 0.09 25.43 -6.51
CA PRO B 23 0.33 24.49 -7.61
C PRO B 23 1.81 24.42 -7.97
N ALA B 24 2.44 23.30 -7.62
CA ALA B 24 3.86 23.06 -7.92
C ALA B 24 4.79 24.18 -7.43
N GLY B 25 5.80 24.48 -8.24
CA GLY B 25 6.74 25.52 -7.88
C GLY B 25 6.17 26.91 -8.03
N PHE B 26 5.02 27.16 -7.40
CA PHE B 26 4.33 28.44 -7.43
C PHE B 26 3.89 28.72 -6.00
N ALA B 27 3.41 29.94 -5.73
CA ALA B 27 2.95 30.31 -4.39
C ALA B 27 1.70 31.16 -4.48
N ILE B 28 0.75 30.94 -3.59
CA ILE B 28 -0.48 31.73 -3.57
C ILE B 28 -0.26 32.96 -2.72
N LEU B 29 -0.63 34.12 -3.26
CA LEU B 29 -0.48 35.40 -2.56
C LEU B 29 -1.82 36.05 -2.29
N LYS B 30 -2.31 35.91 -1.06
CA LYS B 30 -3.59 36.50 -0.67
C LYS B 30 -3.43 37.98 -0.38
N CYS B 31 -4.27 38.81 -0.96
CA CYS B 31 -4.23 40.23 -0.66
C CYS B 31 -5.10 40.36 0.59
N ASN B 32 -4.55 40.97 1.63
CA ASN B 32 -5.27 41.14 2.89
C ASN B 32 -6.03 42.44 3.02
N ASN B 33 -5.94 43.29 2.00
CA ASN B 33 -6.65 44.57 2.00
C ASN B 33 -8.14 44.25 2.12
N LYS B 34 -8.71 44.51 3.30
CA LYS B 34 -10.11 44.22 3.59
C LYS B 34 -11.09 44.60 2.49
N THR B 35 -10.75 45.64 1.74
CA THR B 35 -11.59 46.13 0.66
C THR B 35 -10.81 46.18 -0.66
N PHE B 36 -10.11 45.10 -0.99
CA PHE B 36 -9.37 45.09 -2.24
C PHE B 36 -10.38 45.16 -3.38
N ASN B 37 -10.14 46.06 -4.31
CA ASN B 37 -11.06 46.26 -5.41
C ASN B 37 -10.50 45.93 -6.79
N GLY B 38 -10.56 44.65 -7.11
CA GLY B 38 -10.12 44.14 -8.39
C GLY B 38 -8.65 44.28 -8.77
N THR B 39 -8.43 45.06 -9.82
CA THR B 39 -7.11 45.32 -10.35
C THR B 39 -6.40 46.40 -9.54
N GLY B 40 -5.07 46.29 -9.44
CA GLY B 40 -4.33 47.29 -8.72
C GLY B 40 -3.21 46.72 -7.85
N PRO B 41 -2.31 47.59 -7.37
CA PRO B 41 -1.19 47.18 -6.52
C PRO B 41 -1.62 46.97 -5.07
N CYS B 42 -1.90 45.72 -4.71
CA CYS B 42 -2.30 45.40 -3.36
C CYS B 42 -1.14 45.73 -2.42
N THR B 43 -1.45 46.55 -1.40
CA THR B 43 -0.45 46.93 -0.42
C THR B 43 -0.22 45.79 0.56
N ASN B 44 -1.18 45.59 1.46
CA ASN B 44 -1.12 44.54 2.46
C ASN B 44 -1.39 43.20 1.78
N VAL B 45 -0.38 42.33 1.75
CA VAL B 45 -0.50 41.02 1.09
C VAL B 45 0.44 40.00 1.73
N SER B 46 0.09 38.71 1.63
CA SER B 46 0.91 37.65 2.21
C SER B 46 0.73 36.30 1.52
N THR B 47 1.78 35.49 1.56
CA THR B 47 1.77 34.17 0.95
C THR B 47 0.94 33.23 1.81
N VAL B 48 0.23 32.30 1.15
CA VAL B 48 -0.61 31.32 1.82
C VAL B 48 -0.41 29.98 1.14
N GLN B 49 -0.69 28.91 1.89
CA GLN B 49 -0.54 27.55 1.37
C GLN B 49 -1.77 27.21 0.52
N CYS B 50 -2.93 27.69 0.95
CA CYS B 50 -4.18 27.47 0.23
C CYS B 50 -5.04 28.72 0.40
N THR B 51 -5.94 28.96 -0.55
CA THR B 51 -6.83 30.12 -0.54
C THR B 51 -7.76 30.23 0.67
N HIS B 52 -8.92 29.57 0.58
CA HIS B 52 -9.92 29.53 1.65
C HIS B 52 -11.03 28.55 1.26
N GLY B 53 -12.07 28.43 2.09
CA GLY B 53 -13.15 27.49 1.78
C GLY B 53 -14.08 27.99 0.72
N ILE B 54 -13.79 27.67 -0.53
CA ILE B 54 -14.59 28.15 -1.66
C ILE B 54 -15.71 27.18 -2.02
N ARG B 55 -16.96 27.63 -1.93
CA ARG B 55 -18.10 26.79 -2.31
C ARG B 55 -18.47 27.02 -3.77
N PRO B 56 -18.19 26.04 -4.64
CA PRO B 56 -18.51 26.17 -6.07
C PRO B 56 -20.00 26.05 -6.37
N VAL B 57 -20.69 27.19 -6.35
CA VAL B 57 -22.12 27.18 -6.62
C VAL B 57 -22.34 27.69 -8.02
N VAL B 58 -22.99 26.87 -8.84
CA VAL B 58 -23.30 27.27 -10.21
C VAL B 58 -24.70 27.87 -10.20
N SER B 59 -24.84 29.08 -10.74
CA SER B 59 -26.12 29.75 -10.76
C SER B 59 -25.95 31.07 -11.48
N THR B 60 -27.07 31.70 -11.86
CA THR B 60 -27.02 32.96 -12.58
C THR B 60 -27.57 34.16 -11.82
N GLN B 61 -27.17 35.35 -12.27
CA GLN B 61 -27.56 36.65 -11.71
C GLN B 61 -27.49 36.84 -10.19
N LEU B 62 -27.36 35.75 -9.44
CA LEU B 62 -27.28 35.83 -7.99
C LEU B 62 -26.24 34.83 -7.52
N LEU B 63 -25.16 35.35 -6.94
CA LEU B 63 -24.07 34.54 -6.40
C LEU B 63 -24.62 34.11 -5.04
N LEU B 64 -24.52 32.82 -4.75
CA LEU B 64 -25.06 32.31 -3.51
C LEU B 64 -24.06 31.51 -2.71
N ASN B 65 -24.34 31.33 -1.42
CA ASN B 65 -23.52 30.57 -0.50
C ASN B 65 -22.02 30.87 -0.56
N GLY B 66 -21.69 32.14 -0.80
CA GLY B 66 -20.29 32.53 -0.91
C GLY B 66 -19.74 33.56 0.08
N SER B 67 -18.61 34.16 -0.29
CA SER B 67 -17.94 35.15 0.56
C SER B 67 -18.52 36.57 0.46
N LEU B 68 -18.76 37.16 1.62
CA LEU B 68 -19.31 38.52 1.72
C LEU B 68 -18.18 39.52 1.93
N ALA B 69 -18.53 40.80 1.82
CA ALA B 69 -17.57 41.85 2.05
C ALA B 69 -17.59 42.08 3.55
N GLU B 70 -16.43 42.28 4.15
CA GLU B 70 -16.38 42.51 5.57
C GLU B 70 -16.54 43.97 5.95
N GLU B 71 -16.41 44.86 4.96
CA GLU B 71 -16.57 46.29 5.22
C GLU B 71 -17.82 46.91 4.65
N GLU B 72 -17.81 47.19 3.36
CA GLU B 72 -18.95 47.78 2.68
C GLU B 72 -19.17 47.01 1.40
N VAL B 73 -20.22 47.39 0.67
CA VAL B 73 -20.53 46.75 -0.60
C VAL B 73 -19.43 47.15 -1.57
N VAL B 74 -18.80 46.16 -2.18
CA VAL B 74 -17.72 46.40 -3.14
C VAL B 74 -18.13 45.82 -4.48
N ILE B 75 -17.97 46.61 -5.54
CA ILE B 75 -18.32 46.18 -6.89
C ILE B 75 -17.01 46.05 -7.65
N ARG B 76 -17.01 45.30 -8.74
CA ARG B 76 -15.81 45.09 -9.53
C ARG B 76 -16.14 44.81 -10.99
N SER B 77 -15.32 45.34 -11.89
CA SER B 77 -15.50 45.18 -13.33
C SER B 77 -14.17 45.43 -14.01
N VAL B 78 -14.00 44.83 -15.19
CA VAL B 78 -12.77 44.99 -15.96
C VAL B 78 -12.72 46.40 -16.45
N ASN B 79 -13.88 46.89 -16.89
CA ASN B 79 -14.00 48.23 -17.44
C ASN B 79 -15.41 48.69 -17.16
N PHE B 80 -15.55 49.60 -16.20
CA PHE B 80 -16.86 50.12 -15.82
C PHE B 80 -17.44 50.99 -16.92
N THR B 81 -16.63 51.33 -17.92
CA THR B 81 -17.04 52.17 -19.04
C THR B 81 -17.74 51.38 -20.16
N ASP B 82 -17.17 50.23 -20.52
CA ASP B 82 -17.71 49.39 -21.57
C ASP B 82 -18.94 48.70 -21.00
N ASN B 83 -20.11 49.15 -21.42
CA ASN B 83 -21.38 48.59 -20.95
C ASN B 83 -21.52 47.08 -21.17
N ALA B 84 -20.72 46.53 -22.08
CA ALA B 84 -20.78 45.11 -22.37
C ALA B 84 -20.19 44.21 -21.30
N LYS B 85 -19.39 44.79 -20.41
CA LYS B 85 -18.71 44.03 -19.35
C LYS B 85 -19.44 43.83 -18.03
N THR B 86 -19.46 42.60 -17.57
CA THR B 86 -20.11 42.21 -16.32
C THR B 86 -19.54 43.01 -15.15
N ILE B 87 -20.41 43.36 -14.22
CA ILE B 87 -20.03 44.10 -13.01
C ILE B 87 -20.44 43.16 -11.90
N ILE B 88 -19.47 42.74 -11.10
CA ILE B 88 -19.74 41.83 -10.00
C ILE B 88 -19.96 42.68 -8.75
N VAL B 89 -20.85 42.24 -7.88
CA VAL B 89 -21.17 42.99 -6.66
C VAL B 89 -21.01 42.08 -5.46
N GLN B 90 -20.20 42.52 -4.51
CA GLN B 90 -19.98 41.77 -3.28
C GLN B 90 -20.81 42.50 -2.25
N LEU B 91 -21.70 41.76 -1.61
CA LEU B 91 -22.60 42.32 -0.64
C LEU B 91 -22.08 42.47 0.77
N ASN B 92 -22.70 43.39 1.51
CA ASN B 92 -22.35 43.65 2.90
C ASN B 92 -22.92 42.56 3.78
N THR B 93 -24.23 42.36 3.67
CA THR B 93 -24.95 41.38 4.47
C THR B 93 -25.65 40.35 3.58
N SER B 94 -25.74 39.12 4.06
CA SER B 94 -26.41 38.04 3.33
C SER B 94 -27.92 38.25 3.31
N VAL B 95 -28.55 37.73 2.27
CA VAL B 95 -29.98 37.82 2.11
C VAL B 95 -30.37 36.37 1.91
N GLU B 96 -31.61 36.03 2.20
CA GLU B 96 -32.04 34.65 2.05
C GLU B 96 -33.04 34.50 0.94
N ILE B 97 -32.97 33.36 0.28
CA ILE B 97 -33.85 33.03 -0.80
C ILE B 97 -34.21 31.57 -0.58
N ASN B 98 -35.43 31.38 -0.09
CA ASN B 98 -35.97 30.05 0.19
C ASN B 98 -36.77 29.63 -1.03
N CYS B 99 -36.50 28.43 -1.53
CA CYS B 99 -37.18 27.92 -2.71
C CYS B 99 -37.61 26.46 -2.53
N THR B 100 -38.61 26.06 -3.31
CA THR B 100 -39.14 24.71 -3.30
C THR B 100 -39.48 24.28 -4.72
N GLY B 101 -39.55 22.97 -4.95
CA GLY B 101 -39.88 22.46 -6.27
C GLY B 101 -41.26 22.89 -6.75
N ALA B 102 -42.11 23.28 -5.81
CA ALA B 102 -43.48 23.75 -6.06
C ALA B 102 -43.58 25.03 -6.88
N GLY B 103 -42.47 25.45 -7.48
CA GLY B 103 -42.49 26.62 -8.33
C GLY B 103 -42.22 28.00 -7.78
N HIS B 104 -41.80 28.15 -6.53
CA HIS B 104 -41.54 29.50 -6.05
C HIS B 104 -40.33 29.67 -5.17
N CYS B 105 -39.89 30.93 -5.10
CA CYS B 105 -38.77 31.36 -4.29
C CYS B 105 -39.18 32.62 -3.59
N ASN B 106 -39.12 32.63 -2.27
CA ASN B 106 -39.49 33.86 -1.60
C ASN B 106 -38.30 34.40 -0.82
N ILE B 107 -38.11 35.70 -0.95
CA ILE B 107 -37.03 36.41 -0.29
C ILE B 107 -37.65 37.64 0.39
N SER B 108 -37.19 37.94 1.61
CA SER B 108 -37.69 39.08 2.36
C SER B 108 -37.67 40.38 1.56
N ARG B 109 -38.81 41.03 1.50
CA ARG B 109 -38.99 42.28 0.77
C ARG B 109 -38.14 43.43 1.34
N ALA B 110 -38.08 43.53 2.66
CA ALA B 110 -37.33 44.58 3.33
C ALA B 110 -35.82 44.36 3.21
N LYS B 111 -35.38 43.15 3.55
CA LYS B 111 -33.96 42.80 3.47
C LYS B 111 -33.37 43.12 2.11
N TRP B 112 -34.07 42.75 1.04
CA TRP B 112 -33.55 42.99 -0.29
C TRP B 112 -33.65 44.41 -0.82
N ASN B 113 -34.69 45.14 -0.42
CA ASN B 113 -34.82 46.50 -0.91
C ASN B 113 -33.70 47.35 -0.32
N ASN B 114 -33.23 46.95 0.86
CA ASN B 114 -32.15 47.65 1.54
C ASN B 114 -30.81 47.46 0.80
N THR B 115 -30.50 46.23 0.43
CA THR B 115 -29.26 45.95 -0.28
C THR B 115 -29.24 46.67 -1.62
N LEU B 116 -30.42 46.93 -2.17
CA LEU B 116 -30.55 47.60 -3.45
C LEU B 116 -30.07 49.02 -3.38
N LYS B 117 -30.50 49.76 -2.35
CA LYS B 117 -30.09 51.15 -2.19
C LYS B 117 -28.62 51.23 -1.82
N GLN B 118 -28.08 50.15 -1.25
CA GLN B 118 -26.67 50.10 -0.90
C GLN B 118 -25.89 49.99 -2.22
N ILE B 119 -26.26 49.01 -3.04
CA ILE B 119 -25.63 48.81 -4.33
C ILE B 119 -25.83 50.07 -5.15
N ALA B 120 -26.98 50.73 -4.97
CA ALA B 120 -27.28 51.95 -5.71
C ALA B 120 -26.35 53.10 -5.30
N SER B 121 -25.85 53.03 -4.07
CA SER B 121 -24.95 54.05 -3.55
C SER B 121 -23.54 53.95 -4.12
N LYS B 122 -23.40 53.46 -5.34
CA LYS B 122 -22.09 53.34 -5.97
C LYS B 122 -22.03 52.85 -7.42
N LEU B 123 -23.16 52.72 -8.08
CA LEU B 123 -23.19 52.21 -9.46
C LEU B 123 -22.39 52.97 -10.55
N ARG B 124 -22.01 52.23 -11.61
CA ARG B 124 -21.19 52.70 -12.74
C ARG B 124 -20.53 54.06 -12.72
N GLU B 125 -21.30 55.11 -12.45
CA GLU B 125 -20.75 56.47 -12.35
C GLU B 125 -19.45 56.36 -11.52
N GLN B 126 -19.42 55.32 -10.69
CA GLN B 126 -18.30 54.94 -9.82
C GLN B 126 -18.40 55.58 -8.46
N PHE B 127 -19.36 55.08 -7.68
CA PHE B 127 -19.65 55.58 -6.35
C PHE B 127 -19.99 57.05 -6.61
N GLY B 128 -20.53 57.29 -7.80
CA GLY B 128 -20.88 58.61 -8.25
C GLY B 128 -21.52 59.45 -7.17
N ASN B 129 -21.10 60.71 -7.12
CA ASN B 129 -21.63 61.65 -6.15
C ASN B 129 -23.15 61.61 -6.19
N ASN B 130 -23.71 61.46 -7.39
CA ASN B 130 -25.16 61.34 -7.57
C ASN B 130 -25.73 61.46 -8.98
N LYS B 131 -26.80 60.69 -9.18
CA LYS B 131 -27.56 60.61 -10.42
C LYS B 131 -28.64 59.56 -10.19
N THR B 132 -29.50 59.36 -11.18
CA THR B 132 -30.59 58.40 -11.05
C THR B 132 -30.11 56.98 -11.38
N ILE B 133 -30.28 56.06 -10.43
CA ILE B 133 -29.90 54.67 -10.63
C ILE B 133 -31.18 53.84 -10.82
N ILE B 134 -31.26 53.15 -11.95
CA ILE B 134 -32.44 52.36 -12.25
C ILE B 134 -32.13 50.88 -12.39
N PHE B 135 -32.97 50.08 -11.76
CA PHE B 135 -32.85 48.64 -11.80
C PHE B 135 -34.03 48.13 -12.64
N LYS B 136 -33.71 47.58 -13.81
CA LYS B 136 -34.71 46.98 -14.69
C LYS B 136 -34.29 45.53 -14.78
N GLN B 137 -34.98 44.73 -15.57
CA GLN B 137 -34.61 43.33 -15.70
C GLN B 137 -34.06 42.98 -17.07
N SER B 138 -33.70 41.72 -17.24
CA SER B 138 -33.10 41.25 -18.46
C SER B 138 -33.77 41.67 -19.76
N SER B 139 -32.95 42.04 -20.73
CA SER B 139 -33.43 42.45 -22.05
C SER B 139 -33.90 41.20 -22.82
N GLY B 140 -33.18 40.09 -22.62
CA GLY B 140 -33.52 38.87 -23.31
C GLY B 140 -32.37 37.89 -23.40
N GLY B 141 -32.59 36.78 -24.08
CA GLY B 141 -31.56 35.77 -24.21
C GLY B 141 -31.97 34.47 -23.54
N ASP B 142 -31.05 33.51 -23.52
CA ASP B 142 -31.31 32.20 -22.93
C ASP B 142 -32.08 32.21 -21.60
N PRO B 143 -32.82 31.13 -21.32
CA PRO B 143 -33.58 31.06 -20.07
C PRO B 143 -32.65 31.15 -18.86
N GLU B 144 -31.51 30.48 -18.94
CA GLU B 144 -30.52 30.47 -17.86
C GLU B 144 -29.97 31.87 -17.55
N ILE B 145 -29.99 32.73 -18.56
CA ILE B 145 -29.51 34.12 -18.48
C ILE B 145 -30.57 35.11 -18.01
N VAL B 146 -31.78 34.95 -18.57
CA VAL B 146 -32.95 35.80 -18.28
C VAL B 146 -33.59 35.55 -16.91
N THR B 147 -33.28 34.40 -16.30
CA THR B 147 -33.85 34.06 -15.01
C THR B 147 -32.77 33.56 -14.05
N HIS B 148 -33.01 33.66 -12.73
CA HIS B 148 -32.04 33.18 -11.74
C HIS B 148 -32.06 31.65 -11.78
N SER B 149 -31.31 31.07 -12.71
CA SER B 149 -31.25 29.62 -12.83
C SER B 149 -30.17 29.08 -11.90
N PHE B 150 -30.45 27.94 -11.30
CA PHE B 150 -29.53 27.33 -10.37
C PHE B 150 -29.95 25.88 -10.18
N ASN B 151 -29.09 25.11 -9.52
CA ASN B 151 -29.44 23.72 -9.29
C ASN B 151 -29.86 23.51 -7.84
N CYS B 152 -31.16 23.41 -7.61
CA CYS B 152 -31.66 23.21 -6.27
C CYS B 152 -32.01 21.74 -6.04
N GLY B 153 -31.39 21.15 -5.02
CA GLY B 153 -31.66 19.76 -4.70
C GLY B 153 -31.51 18.83 -5.88
N GLY B 154 -30.57 19.12 -6.77
CA GLY B 154 -30.36 18.28 -7.95
C GLY B 154 -31.13 18.75 -9.18
N GLU B 155 -32.29 19.36 -8.95
CA GLU B 155 -33.16 19.88 -10.00
C GLU B 155 -32.75 21.26 -10.52
N PHE B 156 -33.15 21.59 -11.75
CA PHE B 156 -32.80 22.88 -12.35
C PHE B 156 -33.95 23.87 -12.27
N PHE B 157 -33.77 24.92 -11.47
CA PHE B 157 -34.77 25.96 -11.28
C PHE B 157 -34.54 27.16 -12.20
N TYR B 158 -35.63 27.75 -12.70
CA TYR B 158 -35.58 28.92 -13.55
C TYR B 158 -36.56 29.87 -12.90
N CYS B 159 -36.03 30.68 -11.98
CA CYS B 159 -36.80 31.64 -11.21
C CYS B 159 -36.92 32.99 -11.88
N ASN B 160 -38.15 33.40 -12.16
CA ASN B 160 -38.47 34.69 -12.79
C ASN B 160 -38.19 35.80 -11.76
N SER B 161 -37.21 36.66 -12.05
CA SER B 161 -36.83 37.70 -11.11
C SER B 161 -37.21 39.15 -11.43
N THR B 162 -38.18 39.37 -12.31
CA THR B 162 -38.56 40.76 -12.64
C THR B 162 -38.76 41.60 -11.38
N GLN B 163 -39.23 40.97 -10.31
CA GLN B 163 -39.51 41.65 -9.04
C GLN B 163 -38.31 42.05 -8.21
N LEU B 164 -37.14 41.56 -8.56
CA LEU B 164 -35.94 41.91 -7.82
C LEU B 164 -35.27 43.08 -8.52
N PHE B 165 -35.38 43.10 -9.84
CA PHE B 165 -34.74 44.15 -10.62
C PHE B 165 -35.75 45.00 -11.41
N ASN B 166 -36.47 45.85 -10.69
CA ASN B 166 -37.47 46.72 -11.29
C ASN B 166 -37.78 47.80 -10.24
N SER B 167 -36.94 48.83 -10.20
CA SER B 167 -37.10 49.91 -9.24
C SER B 167 -36.26 51.09 -9.66
N THR B 168 -36.40 52.20 -8.94
CA THR B 168 -35.64 53.40 -9.25
C THR B 168 -35.13 54.05 -7.97
N TRP B 169 -33.91 54.59 -8.05
CA TRP B 169 -33.26 55.23 -6.93
C TRP B 169 -32.43 56.40 -7.47
N PHE B 170 -31.73 57.05 -6.55
CA PHE B 170 -30.87 58.17 -6.92
C PHE B 170 -29.58 58.03 -6.11
N GLY C 1 -46.04 44.08 7.45
CA GLY C 1 -45.87 43.09 8.48
C GLY C 1 -44.83 42.04 8.12
N SER C 2 -45.21 41.09 7.29
CA SER C 2 -44.30 40.03 6.85
C SER C 2 -44.37 39.89 5.33
N ASP C 3 -44.12 41.01 4.65
CA ASP C 3 -44.16 41.07 3.20
C ASP C 3 -42.95 40.38 2.58
N THR C 4 -43.19 39.28 1.86
CA THR C 4 -42.10 38.56 1.20
C THR C 4 -42.20 38.65 -0.32
N ILE C 5 -41.04 38.74 -0.96
CA ILE C 5 -40.97 38.83 -2.41
C ILE C 5 -41.08 37.41 -2.96
N THR C 6 -42.27 37.09 -3.47
CA THR C 6 -42.51 35.78 -4.07
C THR C 6 -42.10 35.81 -5.54
N LEU C 7 -41.20 34.91 -5.91
CA LEU C 7 -40.71 34.82 -7.28
C LEU C 7 -41.21 33.53 -7.90
N PRO C 8 -41.85 33.62 -9.07
CA PRO C 8 -42.36 32.44 -9.78
C PRO C 8 -41.10 31.70 -10.22
N CYS C 9 -41.13 30.37 -10.12
CA CYS C 9 -39.97 29.57 -10.47
C CYS C 9 -40.44 28.37 -11.30
N ARG C 10 -39.54 27.80 -12.09
CA ARG C 10 -39.89 26.64 -12.92
C ARG C 10 -38.72 25.68 -13.03
N ILE C 11 -39.01 24.38 -12.96
CA ILE C 11 -37.99 23.34 -13.06
C ILE C 11 -38.01 22.81 -14.50
N LYS C 12 -36.93 23.07 -15.23
CA LYS C 12 -36.84 22.60 -16.61
C LYS C 12 -35.96 21.36 -16.70
N GLN C 13 -36.21 20.54 -17.71
CA GLN C 13 -35.43 19.32 -17.92
C GLN C 13 -34.45 19.47 -19.08
N ILE C 14 -34.84 20.22 -20.11
CA ILE C 14 -33.99 20.48 -21.27
C ILE C 14 -33.32 21.82 -21.00
N ILE C 15 -32.00 21.83 -20.87
CA ILE C 15 -31.28 23.07 -20.59
C ILE C 15 -30.12 23.34 -21.54
N ASN C 16 -29.77 24.60 -21.68
CA ASN C 16 -28.62 25.00 -22.51
C ASN C 16 -27.46 24.83 -21.50
N MET C 17 -26.40 24.17 -21.91
CA MET C 17 -25.26 23.97 -21.00
C MET C 17 -24.45 25.22 -20.74
N TRP C 18 -23.85 25.27 -19.55
CA TRP C 18 -22.99 26.37 -19.15
C TRP C 18 -21.52 25.96 -19.38
N GLN C 19 -21.27 24.65 -19.37
CA GLN C 19 -19.93 24.11 -19.56
C GLN C 19 -19.36 24.48 -20.92
N LYS C 20 -20.15 24.16 -21.95
CA LYS C 20 -19.79 24.40 -23.34
C LYS C 20 -21.12 24.65 -24.07
N VAL C 21 -21.06 25.05 -25.34
CA VAL C 21 -22.28 25.31 -26.11
C VAL C 21 -23.00 24.03 -26.46
N GLY C 22 -23.86 23.59 -25.54
CA GLY C 22 -24.61 22.37 -25.77
C GLY C 22 -25.99 22.44 -25.17
N LYS C 23 -26.69 21.30 -25.23
CA LYS C 23 -28.04 21.17 -24.72
C LYS C 23 -28.04 19.85 -23.96
N ALA C 24 -28.86 19.74 -22.92
CA ALA C 24 -28.93 18.52 -22.14
C ALA C 24 -30.34 18.30 -21.60
N MET C 25 -30.68 17.04 -21.32
CA MET C 25 -32.01 16.70 -20.81
C MET C 25 -31.86 15.77 -19.62
N TYR C 26 -32.50 16.12 -18.52
CA TYR C 26 -32.44 15.30 -17.32
C TYR C 26 -33.83 14.70 -17.01
N ALA C 27 -33.85 13.68 -16.15
CA ALA C 27 -35.10 13.05 -15.78
C ALA C 27 -35.95 14.01 -14.96
N PRO C 28 -37.27 13.79 -14.91
CA PRO C 28 -38.17 14.65 -14.14
C PRO C 28 -37.96 14.37 -12.64
N PRO C 29 -38.51 15.22 -11.76
CA PRO C 29 -38.33 15.00 -10.33
C PRO C 29 -38.97 13.70 -9.83
N ILE C 30 -38.49 13.24 -8.68
CA ILE C 30 -39.02 12.04 -8.02
C ILE C 30 -39.47 12.44 -6.61
N SER C 31 -38.86 13.51 -6.09
CA SER C 31 -39.18 14.03 -4.77
C SER C 31 -40.32 15.02 -4.87
N GLY C 32 -41.13 15.08 -3.81
CA GLY C 32 -42.25 16.00 -3.78
C GLY C 32 -42.02 17.10 -2.78
N GLN C 33 -40.78 17.25 -2.37
CA GLN C 33 -40.39 18.26 -1.38
C GLN C 33 -38.96 18.75 -1.66
N ILE C 34 -38.76 19.32 -2.84
CA ILE C 34 -37.44 19.86 -3.22
C ILE C 34 -37.40 21.18 -2.42
N ARG C 35 -36.42 21.31 -1.52
CA ARG C 35 -36.34 22.49 -0.67
C ARG C 35 -34.93 23.01 -0.49
N CYS C 36 -34.69 24.25 -0.90
CA CYS C 36 -33.38 24.87 -0.77
C CYS C 36 -33.45 26.16 0.02
N SER C 37 -32.36 26.49 0.70
CA SER C 37 -32.27 27.72 1.48
C SER C 37 -30.87 28.24 1.21
N SER C 38 -30.76 29.20 0.32
CA SER C 38 -29.46 29.76 -0.02
C SER C 38 -29.30 31.18 0.48
N ASN C 39 -28.05 31.61 0.62
CA ASN C 39 -27.77 32.95 1.05
C ASN C 39 -27.19 33.76 -0.11
N ILE C 40 -27.96 34.75 -0.56
CA ILE C 40 -27.48 35.60 -1.63
C ILE C 40 -26.30 36.30 -0.97
N THR C 41 -25.17 36.19 -1.63
CA THR C 41 -23.92 36.76 -1.17
C THR C 41 -23.49 37.82 -2.20
N GLY C 42 -24.15 37.85 -3.34
CA GLY C 42 -23.78 38.83 -4.34
C GLY C 42 -24.79 39.09 -5.44
N LEU C 43 -24.27 39.63 -6.54
CA LEU C 43 -25.08 39.99 -7.69
C LEU C 43 -24.09 40.17 -8.83
N LEU C 44 -24.52 39.85 -10.04
CA LEU C 44 -23.71 40.01 -11.23
C LEU C 44 -24.59 40.85 -12.15
N LEU C 45 -24.22 42.10 -12.38
CA LEU C 45 -25.02 42.99 -13.21
C LEU C 45 -24.44 43.34 -14.57
N THR C 46 -25.11 44.28 -15.22
CA THR C 46 -24.76 44.81 -16.52
C THR C 46 -25.47 46.16 -16.66
N ARG C 47 -24.87 47.09 -17.39
CA ARG C 47 -25.47 48.42 -17.53
C ARG C 47 -25.92 48.80 -18.95
N ASP C 48 -27.08 49.46 -19.04
CA ASP C 48 -27.60 49.93 -20.32
C ASP C 48 -26.65 50.99 -20.82
N GLY C 49 -26.49 51.07 -22.14
CA GLY C 49 -25.59 52.06 -22.72
C GLY C 49 -26.25 53.16 -23.50
N GLY C 50 -25.49 53.76 -24.41
CA GLY C 50 -26.00 54.83 -25.24
C GLY C 50 -26.46 56.04 -24.45
N ASN C 51 -26.09 56.07 -23.17
CA ASN C 51 -26.46 57.14 -22.25
C ASN C 51 -25.27 57.41 -21.33
N SER C 52 -24.08 57.29 -21.87
CA SER C 52 -22.84 57.48 -21.13
C SER C 52 -22.82 58.79 -20.35
N ASN C 53 -22.47 58.70 -19.07
CA ASN C 53 -22.34 59.86 -18.16
C ASN C 53 -23.57 60.75 -17.96
N ASN C 54 -24.70 60.40 -18.56
CA ASN C 54 -25.92 61.21 -18.45
C ASN C 54 -26.63 60.99 -17.09
N GLU C 55 -27.75 61.64 -16.87
CA GLU C 55 -28.49 61.53 -15.61
C GLU C 55 -28.93 60.19 -15.04
N SER C 56 -29.16 59.19 -15.87
CA SER C 56 -29.59 57.90 -15.34
C SER C 56 -28.75 56.74 -15.84
N GLU C 57 -28.71 55.65 -15.06
CA GLU C 57 -27.95 54.47 -15.44
C GLU C 57 -28.81 53.27 -15.09
N ILE C 58 -29.18 52.49 -16.11
CA ILE C 58 -30.00 51.31 -15.91
C ILE C 58 -29.08 50.12 -15.70
N PHE C 59 -29.41 49.26 -14.73
CA PHE C 59 -28.61 48.07 -14.44
C PHE C 59 -29.52 46.86 -14.41
N ARG C 60 -29.17 45.85 -15.18
CA ARG C 60 -29.97 44.62 -15.22
C ARG C 60 -29.15 43.45 -14.75
N PRO C 61 -29.81 42.39 -14.28
CA PRO C 61 -29.14 41.19 -13.80
C PRO C 61 -28.35 40.54 -14.95
N GLY C 62 -27.35 39.75 -14.60
CA GLY C 62 -26.53 39.11 -15.62
C GLY C 62 -26.09 37.75 -15.18
N GLY C 63 -24.96 37.31 -15.71
CA GLY C 63 -24.45 36.00 -15.36
C GLY C 63 -24.32 35.23 -16.65
N GLY C 64 -23.85 33.99 -16.55
CA GLY C 64 -23.68 33.18 -17.74
C GLY C 64 -22.28 32.62 -17.76
N ASP C 65 -21.29 33.49 -17.60
CA ASP C 65 -19.92 33.02 -17.60
C ASP C 65 -19.69 32.56 -16.18
N MET C 66 -19.64 31.25 -15.98
CA MET C 66 -19.42 30.74 -14.64
C MET C 66 -18.07 31.17 -14.09
N ARG C 67 -17.19 31.65 -14.98
CA ARG C 67 -15.87 32.13 -14.57
C ARG C 67 -16.12 33.33 -13.68
N ASP C 68 -17.09 34.16 -14.04
CA ASP C 68 -17.42 35.33 -13.26
C ASP C 68 -17.93 34.97 -11.85
N ASN C 69 -18.20 33.69 -11.63
CA ASN C 69 -18.67 33.16 -10.36
C ASN C 69 -17.46 32.74 -9.51
N TRP C 70 -16.43 32.25 -10.19
CA TRP C 70 -15.21 31.84 -9.50
C TRP C 70 -14.42 33.12 -9.17
N ARG C 71 -14.46 34.08 -10.08
CA ARG C 71 -13.76 35.36 -9.96
C ARG C 71 -14.12 36.12 -8.68
N SER C 72 -15.37 36.01 -8.24
CA SER C 72 -15.84 36.70 -7.04
C SER C 72 -15.23 36.17 -5.75
N GLU C 73 -14.77 34.92 -5.80
CA GLU C 73 -14.14 34.26 -4.65
C GLU C 73 -12.62 34.27 -4.73
N LEU C 74 -12.09 34.24 -5.95
CA LEU C 74 -10.65 34.21 -6.19
C LEU C 74 -10.00 35.56 -6.47
N TYR C 75 -10.77 36.64 -6.51
CA TYR C 75 -10.23 37.96 -6.79
C TYR C 75 -8.97 38.33 -6.01
N LYS C 76 -8.98 38.06 -4.72
CA LYS C 76 -7.87 38.40 -3.82
C LYS C 76 -6.68 37.46 -3.86
N TYR C 77 -6.63 36.55 -4.84
CA TYR C 77 -5.55 35.59 -4.92
C TYR C 77 -4.76 35.70 -6.21
N LYS C 78 -3.57 35.10 -6.21
CA LYS C 78 -2.69 35.10 -7.38
C LYS C 78 -1.58 34.07 -7.19
N VAL C 79 -1.19 33.44 -8.29
CA VAL C 79 -0.14 32.44 -8.26
C VAL C 79 1.17 33.05 -8.80
N VAL C 80 2.21 33.00 -7.98
CA VAL C 80 3.52 33.53 -8.37
C VAL C 80 4.52 32.39 -8.44
N LYS C 81 5.42 32.43 -9.41
CA LYS C 81 6.41 31.37 -9.52
C LYS C 81 7.43 31.47 -8.38
N ILE C 82 7.61 30.34 -7.69
CA ILE C 82 8.53 30.22 -6.56
C ILE C 82 9.65 29.26 -6.96
N GLU C 83 10.87 29.53 -6.47
CA GLU C 83 12.03 28.68 -6.76
C GLU C 83 12.16 27.56 -5.72
N THR D 1 37.05 -2.45 20.59
CA THR D 1 36.92 -3.14 21.86
C THR D 1 37.35 -2.23 23.00
N GLU D 2 37.51 -2.79 24.20
CA GLU D 2 37.91 -2.05 25.39
C GLU D 2 37.05 -0.78 25.48
N ASN D 3 35.81 -0.96 25.90
CA ASN D 3 34.87 0.15 25.98
C ASN D 3 34.30 0.33 27.40
N PHE D 4 33.48 1.35 27.57
CA PHE D 4 32.89 1.63 28.87
C PHE D 4 31.36 1.50 28.92
N ASN D 5 30.88 0.97 30.04
CA ASN D 5 29.46 0.75 30.33
C ASN D 5 29.22 1.11 31.80
N MET D 6 27.95 1.29 32.22
CA MET D 6 27.66 1.64 33.61
C MET D 6 26.17 1.61 34.05
N TRP D 7 25.94 1.99 35.31
CA TRP D 7 24.62 2.07 35.96
C TRP D 7 23.84 3.28 35.44
N LYS D 8 23.87 3.47 34.13
CA LYS D 8 23.20 4.59 33.48
C LYS D 8 22.04 4.10 32.62
N ASN D 9 22.30 3.77 31.35
CA ASN D 9 21.23 3.32 30.50
C ASN D 9 21.60 2.47 29.28
N ASP D 10 20.82 2.68 28.21
CA ASP D 10 20.92 2.04 26.90
C ASP D 10 19.48 2.16 26.47
N MET D 11 18.62 1.54 27.26
CA MET D 11 17.19 1.56 27.03
C MET D 11 16.47 1.67 28.36
N VAL D 12 17.18 1.92 29.45
CA VAL D 12 16.51 2.04 30.74
C VAL D 12 15.43 3.12 30.67
N GLU D 13 15.82 4.34 30.30
CA GLU D 13 14.84 5.42 30.17
C GLU D 13 13.91 5.17 28.99
N GLN D 14 14.44 4.61 27.90
CA GLN D 14 13.67 4.30 26.70
C GLN D 14 12.61 3.26 27.00
N MET D 15 13.06 2.06 27.35
CA MET D 15 12.21 0.94 27.71
C MET D 15 11.13 1.39 28.70
N HIS D 16 11.56 2.01 29.81
CA HIS D 16 10.63 2.50 30.82
C HIS D 16 9.46 3.23 30.16
N GLU D 17 9.76 4.12 29.23
CA GLU D 17 8.73 4.87 28.53
C GLU D 17 7.94 3.99 27.55
N ASP D 18 8.55 2.94 27.04
CA ASP D 18 7.83 2.05 26.12
C ASP D 18 6.83 1.24 26.92
N ILE D 19 7.31 0.68 28.05
CA ILE D 19 6.49 -0.11 28.96
C ILE D 19 5.39 0.72 29.60
N ILE D 20 5.69 1.95 30.00
CA ILE D 20 4.66 2.80 30.57
C ILE D 20 3.60 3.01 29.49
N SER D 21 4.05 3.20 28.25
CA SER D 21 3.11 3.43 27.16
C SER D 21 2.46 2.14 26.65
N LEU D 22 2.96 1.01 27.13
CA LEU D 22 2.44 -0.28 26.72
C LEU D 22 1.31 -0.62 27.68
N TRP D 23 1.57 -0.43 28.97
CA TRP D 23 0.60 -0.69 30.00
C TRP D 23 -0.65 0.12 29.76
N ASP D 24 -0.47 1.41 29.48
CA ASP D 24 -1.58 2.31 29.22
C ASP D 24 -2.53 1.74 28.18
N GLN D 25 -2.00 1.33 27.02
CA GLN D 25 -2.81 0.77 25.93
C GLN D 25 -3.46 -0.57 26.29
N SER D 26 -2.89 -1.26 27.26
CA SER D 26 -3.40 -2.56 27.68
C SER D 26 -4.30 -2.52 28.91
N LEU D 27 -3.69 -2.54 30.09
CA LEU D 27 -4.42 -2.54 31.37
C LEU D 27 -5.06 -1.20 31.73
N LYS D 28 -6.21 -0.91 31.14
CA LYS D 28 -6.92 0.34 31.40
C LYS D 28 -7.73 0.31 32.71
N PRO D 29 -7.53 1.33 33.57
CA PRO D 29 -8.24 1.42 34.84
C PRO D 29 -9.22 2.57 34.86
N CYS D 30 -9.18 3.30 35.98
CA CYS D 30 -9.99 4.45 36.26
C CYS D 30 -9.00 5.24 37.18
N VAL D 31 -8.07 5.91 36.49
CA VAL D 31 -6.95 6.69 37.04
C VAL D 31 -7.23 7.90 37.93
N LYS D 32 -6.24 8.31 38.69
CA LYS D 32 -6.33 9.47 39.57
C LYS D 32 -4.92 9.93 39.94
N LEU D 33 -4.45 11.00 39.31
CA LEU D 33 -3.11 11.54 39.53
C LEU D 33 -3.13 12.99 40.02
N THR D 34 -2.17 13.34 40.88
CA THR D 34 -2.10 14.68 41.46
C THR D 34 -1.17 15.76 40.91
N PRO D 35 -1.73 16.79 40.28
CA PRO D 35 -0.96 17.92 39.73
C PRO D 35 -1.08 18.99 40.82
N THR E 1 -6.33 18.00 40.21
CA THR E 1 -6.11 16.63 40.70
C THR E 1 -6.98 15.84 39.73
N SER E 2 -6.38 15.45 38.62
CA SER E 2 -7.08 14.75 37.56
C SER E 2 -7.56 13.33 37.83
N VAL E 3 -8.88 13.15 37.73
CA VAL E 3 -9.49 11.83 37.91
C VAL E 3 -9.95 11.46 36.51
N ILE E 4 -9.81 10.19 36.16
CA ILE E 4 -10.22 9.73 34.83
C ILE E 4 -11.02 8.44 34.97
N THR E 5 -12.23 8.49 34.45
CA THR E 5 -13.14 7.37 34.49
C THR E 5 -13.18 6.70 33.12
N GLN E 6 -12.36 5.69 32.94
CA GLN E 6 -12.32 4.97 31.67
C GLN E 6 -13.18 3.76 31.86
N ALA E 7 -13.58 3.15 30.76
CA ALA E 7 -14.38 1.94 30.82
C ALA E 7 -13.39 0.87 31.28
N CYS E 8 -13.18 0.82 32.60
CA CYS E 8 -12.27 -0.12 33.26
C CYS E 8 -12.65 -1.50 32.71
N PRO E 9 -11.78 -2.12 31.86
CA PRO E 9 -12.05 -3.43 31.29
C PRO E 9 -11.23 -4.64 31.76
N LYS E 10 -11.87 -5.80 31.80
CA LYS E 10 -11.23 -7.04 32.21
C LYS E 10 -10.45 -7.68 31.06
N VAL E 11 -9.25 -7.19 30.83
CA VAL E 11 -8.41 -7.71 29.77
C VAL E 11 -7.35 -8.59 30.43
N SER E 12 -6.55 -9.26 29.61
CA SER E 12 -5.47 -10.13 30.08
C SER E 12 -4.13 -9.56 29.60
N PHE E 13 -3.29 -9.17 30.54
CA PHE E 13 -1.99 -8.60 30.19
C PHE E 13 -0.96 -9.72 29.98
N GLU E 14 -0.37 -9.76 28.79
CA GLU E 14 0.64 -10.79 28.52
C GLU E 14 1.93 -10.14 28.04
N PRO E 15 3.08 -10.65 28.50
CA PRO E 15 4.40 -10.12 28.13
C PRO E 15 4.95 -10.64 26.81
N ILE E 16 5.25 -9.71 25.92
CA ILE E 16 5.83 -10.05 24.62
C ILE E 16 7.30 -9.70 24.72
N PRO E 17 8.19 -10.69 24.49
CA PRO E 17 9.62 -10.41 24.58
C PRO E 17 9.92 -9.23 23.66
N ILE E 18 10.48 -8.17 24.22
CA ILE E 18 10.79 -7.00 23.43
C ILE E 18 12.28 -6.94 23.08
N HIS E 19 12.55 -6.82 21.78
CA HIS E 19 13.91 -6.73 21.31
C HIS E 19 14.19 -5.25 21.08
N TYR E 20 15.32 -4.75 21.58
CA TYR E 20 15.69 -3.36 21.35
C TYR E 20 16.90 -3.34 20.45
N CYS E 21 16.70 -2.80 19.25
CA CYS E 21 17.75 -2.72 18.26
C CYS E 21 18.40 -1.33 18.24
N ALA E 22 19.36 -1.14 17.35
CA ALA E 22 20.06 0.15 17.25
C ALA E 22 19.13 1.30 16.87
N PRO E 23 19.20 2.39 17.63
CA PRO E 23 18.39 3.59 17.41
C PRO E 23 19.10 4.61 16.52
N ALA E 24 18.64 4.74 15.28
CA ALA E 24 19.21 5.68 14.32
C ALA E 24 20.72 5.55 14.12
N GLY E 25 21.39 6.69 13.97
CA GLY E 25 22.82 6.67 13.78
C GLY E 25 23.59 6.37 15.06
N PHE E 26 23.23 5.25 15.70
CA PHE E 26 23.86 4.79 16.94
C PHE E 26 24.10 3.29 16.77
N ALA E 27 24.85 2.68 17.69
CA ALA E 27 25.13 1.25 17.63
C ALA E 27 25.08 0.64 19.02
N ILE E 28 24.52 -0.56 19.13
CA ILE E 28 24.45 -1.24 20.43
C ILE E 28 25.73 -2.05 20.63
N LEU E 29 26.35 -1.88 21.79
CA LEU E 29 27.58 -2.59 22.12
C LEU E 29 27.38 -3.54 23.30
N LYS E 30 27.23 -4.82 23.01
CA LYS E 30 27.03 -5.83 24.05
C LYS E 30 28.36 -6.20 24.68
N CYS E 31 28.44 -6.18 26.00
CA CYS E 31 29.66 -6.60 26.68
C CYS E 31 29.50 -8.11 26.78
N ASN E 32 30.49 -8.86 26.32
CA ASN E 32 30.44 -10.31 26.34
C ASN E 32 31.07 -10.95 27.57
N ASN E 33 31.62 -10.11 28.45
CA ASN E 33 32.24 -10.61 29.69
C ASN E 33 31.14 -11.36 30.45
N LYS E 34 31.24 -12.69 30.46
CA LYS E 34 30.27 -13.57 31.12
C LYS E 34 29.81 -13.09 32.50
N THR E 35 30.70 -12.42 33.21
CA THR E 35 30.42 -11.92 34.54
C THR E 35 30.65 -10.41 34.63
N PHE E 36 30.13 -9.65 33.67
CA PHE E 36 30.31 -8.21 33.70
C PHE E 36 29.58 -7.69 34.93
N ASN E 37 30.26 -6.88 35.72
CA ASN E 37 29.70 -6.37 36.94
C ASN E 37 29.49 -4.85 36.98
N GLY E 38 28.37 -4.44 36.40
CA GLY E 38 27.99 -3.04 36.38
C GLY E 38 28.86 -2.06 35.64
N THR E 39 29.42 -1.13 36.40
CA THR E 39 30.28 -0.08 35.89
C THR E 39 31.70 -0.59 35.68
N GLY E 40 32.38 -0.05 34.69
CA GLY E 40 33.75 -0.49 34.44
C GLY E 40 34.10 -0.65 32.97
N PRO E 41 35.40 -0.77 32.66
CA PRO E 41 35.85 -0.94 31.29
C PRO E 41 35.72 -2.37 30.82
N CYS E 42 34.63 -2.67 30.11
CA CYS E 42 34.39 -3.99 29.59
C CYS E 42 35.49 -4.34 28.59
N THR E 43 36.15 -5.47 28.82
CA THR E 43 37.22 -5.92 27.94
C THR E 43 36.60 -6.53 26.67
N ASN E 44 36.07 -7.74 26.81
CA ASN E 44 35.45 -8.47 25.71
C ASN E 44 34.10 -7.81 25.41
N VAL E 45 33.97 -7.21 24.23
CA VAL E 45 32.73 -6.52 23.83
C VAL E 45 32.58 -6.52 22.31
N SER E 46 31.34 -6.43 21.84
CA SER E 46 31.06 -6.42 20.41
C SER E 46 29.75 -5.73 20.04
N THR E 47 29.71 -5.17 18.83
CA THR E 47 28.54 -4.49 18.33
C THR E 47 27.47 -5.49 17.96
N VAL E 48 26.20 -5.13 18.19
CA VAL E 48 25.06 -5.98 17.88
C VAL E 48 23.97 -5.13 17.26
N GLN E 49 23.10 -5.77 16.49
CA GLN E 49 22.01 -5.08 15.84
C GLN E 49 20.87 -4.85 16.83
N CYS E 50 20.67 -5.83 17.72
CA CYS E 50 19.65 -5.76 18.76
C CYS E 50 20.19 -6.46 20.00
N THR E 51 19.69 -6.06 21.17
CA THR E 51 20.11 -6.62 22.45
C THR E 51 19.88 -8.14 22.61
N HIS E 52 18.69 -8.51 23.05
CA HIS E 52 18.28 -9.92 23.23
C HIS E 52 16.79 -9.95 23.57
N GLY E 53 16.25 -11.14 23.84
CA GLY E 53 14.83 -11.25 24.15
C GLY E 53 14.49 -10.82 25.56
N ILE E 54 14.18 -9.54 25.73
CA ILE E 54 13.88 -8.99 27.04
C ILE E 54 12.41 -9.07 27.39
N ARG E 55 12.07 -9.78 28.47
CA ARG E 55 10.68 -9.87 28.91
C ARG E 55 10.37 -8.79 29.95
N PRO E 56 9.59 -7.77 29.56
CA PRO E 56 9.26 -6.69 30.49
C PRO E 56 8.25 -7.09 31.57
N VAL E 57 8.77 -7.58 32.69
CA VAL E 57 7.90 -8.00 33.78
C VAL E 57 7.92 -6.93 34.85
N VAL E 58 6.74 -6.41 35.17
CA VAL E 58 6.64 -5.40 36.21
C VAL E 58 6.31 -6.13 37.52
N SER E 59 7.09 -5.88 38.55
CA SER E 59 6.90 -6.54 39.82
C SER E 59 7.91 -5.99 40.81
N THR E 60 7.71 -6.26 42.10
CA THR E 60 8.61 -5.77 43.13
C THR E 60 9.40 -6.84 43.87
N GLN E 61 10.49 -6.41 44.49
CA GLN E 61 11.41 -7.25 45.26
C GLN E 61 11.89 -8.57 44.67
N LEU E 62 11.24 -9.04 43.60
CA LEU E 62 11.60 -10.29 42.96
C LEU E 62 11.49 -10.09 41.45
N LEU E 63 12.64 -10.15 40.78
CA LEU E 63 12.71 -10.03 39.33
C LEU E 63 12.30 -11.42 38.85
N LEU E 64 11.38 -11.47 37.89
CA LEU E 64 10.89 -12.74 37.40
C LEU E 64 10.97 -12.87 35.90
N ASN E 65 10.91 -14.11 35.43
CA ASN E 65 10.94 -14.44 34.00
C ASN E 65 12.02 -13.73 33.19
N GLY E 66 13.19 -13.54 33.81
CA GLY E 66 14.28 -12.84 33.15
C GLY E 66 15.59 -13.58 32.95
N SER E 67 16.66 -12.82 32.70
CA SER E 67 17.99 -13.37 32.46
C SER E 67 18.77 -13.73 33.71
N LEU E 68 19.33 -14.94 33.71
CA LEU E 68 20.11 -15.45 34.83
C LEU E 68 21.59 -15.24 34.57
N ALA E 69 22.40 -15.46 35.61
CA ALA E 69 23.84 -15.35 35.47
C ALA E 69 24.29 -16.71 34.96
N GLU E 70 25.22 -16.72 34.02
CA GLU E 70 25.70 -17.99 33.49
C GLU E 70 26.84 -18.58 34.30
N GLU E 71 27.44 -17.76 35.17
CA GLU E 71 28.54 -18.24 35.99
C GLU E 71 28.22 -18.40 37.46
N GLU E 72 28.21 -17.29 38.18
CA GLU E 72 27.91 -17.31 39.61
C GLU E 72 26.93 -16.18 39.87
N VAL E 73 26.50 -16.08 41.13
CA VAL E 73 25.56 -15.03 41.53
C VAL E 73 26.33 -13.72 41.45
N VAL E 74 25.79 -12.77 40.70
CA VAL E 74 26.42 -11.46 40.54
C VAL E 74 25.48 -10.39 41.07
N ILE E 75 26.00 -9.49 41.89
CA ILE E 75 25.20 -8.41 42.47
C ILE E 75 25.71 -7.12 41.84
N ARG E 76 24.90 -6.07 41.88
CA ARG E 76 25.29 -4.80 41.30
C ARG E 76 24.59 -3.63 42.01
N SER E 77 25.32 -2.53 42.16
CA SER E 77 24.82 -1.33 42.81
C SER E 77 25.65 -0.15 42.37
N VAL E 78 25.06 1.04 42.43
CA VAL E 78 25.74 2.26 42.02
C VAL E 78 26.81 2.55 43.04
N ASN E 79 26.45 2.32 44.30
CA ASN E 79 27.35 2.59 45.42
C ASN E 79 26.97 1.61 46.51
N PHE E 80 27.79 0.60 46.72
CA PHE E 80 27.54 -0.40 47.74
C PHE E 80 27.69 0.18 49.14
N THR E 81 28.25 1.40 49.23
CA THR E 81 28.47 2.08 50.50
C THR E 81 27.23 2.85 51.01
N ASP E 82 26.58 3.57 50.10
CA ASP E 82 25.39 4.35 50.44
C ASP E 82 24.25 3.36 50.62
N ASN E 83 23.85 3.13 51.86
CA ASN E 83 22.77 2.20 52.18
C ASN E 83 21.44 2.53 51.49
N ALA E 84 21.29 3.76 51.02
CA ALA E 84 20.06 4.17 50.36
C ALA E 84 19.89 3.62 48.96
N LYS E 85 20.98 3.13 48.36
CA LYS E 85 20.94 2.62 46.99
C LYS E 85 20.63 1.15 46.79
N THR E 86 19.70 0.89 45.87
CA THR E 86 19.26 -0.45 45.53
C THR E 86 20.44 -1.33 45.09
N ILE E 87 20.40 -2.59 45.47
CA ILE E 87 21.42 -3.56 45.13
C ILE E 87 20.65 -4.60 44.35
N ILE E 88 21.02 -4.82 43.09
CA ILE E 88 20.34 -5.80 42.26
C ILE E 88 21.13 -7.09 42.35
N VAL E 89 20.43 -8.22 42.32
CA VAL E 89 21.07 -9.52 42.43
C VAL E 89 20.66 -10.40 41.25
N GLN E 90 21.65 -10.91 40.54
CA GLN E 90 21.40 -11.78 39.41
C GLN E 90 21.70 -13.16 39.94
N LEU E 91 20.71 -14.04 39.84
CA LEU E 91 20.82 -15.39 40.35
C LEU E 91 21.50 -16.41 39.46
N ASN E 92 22.03 -17.45 40.09
CA ASN E 92 22.70 -18.54 39.39
C ASN E 92 21.67 -19.45 38.74
N THR E 93 20.73 -19.93 39.56
CA THR E 93 19.69 -20.85 39.12
C THR E 93 18.30 -20.25 39.40
N SER E 94 17.35 -20.56 38.51
CA SER E 94 15.98 -20.09 38.66
C SER E 94 15.28 -20.80 39.81
N VAL E 95 14.31 -20.12 40.40
CA VAL E 95 13.53 -20.64 41.50
C VAL E 95 12.11 -20.45 41.00
N GLU E 96 11.19 -21.25 41.51
CA GLU E 96 9.82 -21.15 41.06
C GLU E 96 8.92 -20.61 42.14
N ILE E 97 7.92 -19.85 41.70
CA ILE E 97 6.95 -19.27 42.59
C ILE E 97 5.61 -19.45 41.89
N ASN E 98 4.85 -20.41 42.38
CA ASN E 98 3.54 -20.75 41.83
C ASN E 98 2.52 -19.99 42.67
N CYS E 99 1.62 -19.27 42.00
CA CYS E 99 0.61 -18.49 42.68
C CYS E 99 -0.76 -18.66 42.04
N THR E 100 -1.81 -18.39 42.83
CA THR E 100 -3.19 -18.48 42.39
C THR E 100 -3.99 -17.32 43.00
N GLY E 101 -5.12 -16.99 42.39
CA GLY E 101 -5.97 -15.91 42.89
C GLY E 101 -6.50 -16.19 44.29
N ALA E 102 -6.49 -17.46 44.68
CA ALA E 102 -6.95 -17.93 45.99
C ALA E 102 -6.13 -17.42 47.17
N GLY E 103 -5.29 -16.43 46.93
CA GLY E 103 -4.51 -15.85 48.01
C GLY E 103 -3.14 -16.37 48.40
N HIS E 104 -2.56 -17.30 47.66
CA HIS E 104 -1.24 -17.77 48.06
C HIS E 104 -0.24 -18.01 46.95
N CYS E 105 1.01 -18.03 47.36
CA CYS E 105 2.15 -18.26 46.48
C CYS E 105 3.06 -19.24 47.19
N ASN E 106 3.35 -20.37 46.58
CA ASN E 106 4.25 -21.28 47.25
C ASN E 106 5.50 -21.48 46.42
N ILE E 107 6.62 -21.45 47.11
CA ILE E 107 7.93 -21.62 46.51
C ILE E 107 8.69 -22.66 47.36
N SER E 108 9.42 -23.55 46.68
CA SER E 108 10.18 -24.59 47.35
C SER E 108 11.08 -24.03 48.44
N ARG E 109 10.93 -24.60 49.64
CA ARG E 109 11.70 -24.20 50.80
C ARG E 109 13.21 -24.45 50.67
N ALA E 110 13.57 -25.59 50.09
CA ALA E 110 14.97 -25.96 49.92
C ALA E 110 15.62 -25.13 48.81
N LYS E 111 14.98 -25.07 47.64
CA LYS E 111 15.49 -24.31 46.52
C LYS E 111 15.83 -22.87 46.90
N TRP E 112 14.93 -22.22 47.63
CA TRP E 112 15.18 -20.84 48.00
C TRP E 112 16.15 -20.60 49.15
N ASN E 113 16.23 -21.53 50.10
CA ASN E 113 17.15 -21.33 51.21
C ASN E 113 18.58 -21.44 50.68
N ASN E 114 18.75 -22.21 49.61
CA ASN E 114 20.05 -22.39 48.99
C ASN E 114 20.52 -21.10 48.30
N THR E 115 19.65 -20.48 47.52
CA THR E 115 20.00 -19.24 46.83
C THR E 115 20.33 -18.14 47.84
N LEU E 116 19.77 -18.25 49.04
CA LEU E 116 19.99 -17.26 50.07
C LEU E 116 21.42 -17.29 50.56
N LYS E 117 21.94 -18.49 50.82
CA LYS E 117 23.32 -18.61 51.29
C LYS E 117 24.30 -18.26 50.18
N GLN E 118 23.85 -18.37 48.94
CA GLN E 118 24.69 -18.02 47.79
C GLN E 118 24.79 -16.49 47.77
N ILE E 119 23.65 -15.82 47.82
CA ILE E 119 23.61 -14.36 47.84
C ILE E 119 24.34 -13.91 49.09
N ALA E 120 24.26 -14.68 50.16
CA ALA E 120 24.93 -14.32 51.42
C ALA E 120 26.45 -14.40 51.27
N SER E 121 26.90 -15.23 50.36
CA SER E 121 28.32 -15.41 50.12
C SER E 121 28.96 -14.25 49.34
N LYS E 122 28.41 -13.04 49.51
CA LYS E 122 28.95 -11.87 48.83
C LYS E 122 28.32 -10.52 49.14
N LEU E 123 27.44 -10.43 50.13
CA LEU E 123 26.78 -9.17 50.45
C LEU E 123 27.62 -7.95 50.84
N ARG E 124 27.06 -6.75 50.61
CA ARG E 124 27.70 -5.43 50.84
C ARG E 124 29.17 -5.32 51.18
N GLU E 125 29.62 -6.03 52.20
CA GLU E 125 31.03 -6.05 52.58
C GLU E 125 31.84 -6.16 51.27
N GLN E 126 31.18 -6.74 50.26
CA GLN E 126 31.67 -6.94 48.90
C GLN E 126 32.38 -8.27 48.74
N PHE E 127 31.58 -9.33 48.76
CA PHE E 127 32.08 -10.70 48.66
C PHE E 127 33.00 -10.81 49.87
N GLY E 128 32.65 -10.05 50.89
CA GLY E 128 33.43 -9.98 52.11
C GLY E 128 33.93 -11.33 52.56
N ASN E 129 35.20 -11.34 53.00
CA ASN E 129 35.83 -12.55 53.48
C ASN E 129 34.91 -13.21 54.50
N ASN E 130 34.25 -12.40 55.32
CA ASN E 130 33.30 -12.90 56.31
C ASN E 130 32.80 -11.95 57.39
N LYS E 131 31.53 -12.15 57.75
CA LYS E 131 30.81 -11.41 58.77
C LYS E 131 29.40 -11.98 58.78
N THR E 132 28.56 -11.49 59.69
CA THR E 132 27.19 -11.98 59.81
C THR E 132 26.27 -11.30 58.80
N ILE E 133 25.62 -12.09 57.95
CA ILE E 133 24.68 -11.57 56.96
C ILE E 133 23.26 -11.88 57.43
N ILE E 134 22.45 -10.84 57.58
CA ILE E 134 21.08 -11.02 58.05
C ILE E 134 20.05 -10.56 57.03
N PHE E 135 19.05 -11.41 56.84
CA PHE E 135 17.95 -11.13 55.95
C PHE E 135 16.72 -10.88 56.81
N LYS E 136 16.24 -9.65 56.79
CA LYS E 136 15.03 -9.25 57.51
C LYS E 136 14.10 -8.79 56.41
N GLN E 137 12.92 -8.31 56.76
CA GLN E 137 11.99 -7.85 55.75
C GLN E 137 11.77 -6.36 55.78
N SER E 138 10.94 -5.88 54.86
CA SER E 138 10.68 -4.47 54.72
C SER E 138 10.38 -3.70 55.99
N SER E 139 10.98 -2.51 56.08
CA SER E 139 10.78 -1.62 57.23
C SER E 139 9.37 -1.01 57.15
N GLY E 140 8.93 -0.70 55.93
CA GLY E 140 7.62 -0.11 55.75
C GLY E 140 7.49 0.62 54.43
N GLY E 141 6.35 1.26 54.23
CA GLY E 141 6.10 1.99 52.99
C GLY E 141 4.96 1.39 52.22
N ASP E 142 4.71 1.90 51.02
CA ASP E 142 3.63 1.42 50.15
C ASP E 142 3.45 -0.09 50.11
N PRO E 143 2.21 -0.56 49.84
CA PRO E 143 1.95 -1.99 49.78
C PRO E 143 2.78 -2.63 48.66
N GLU E 144 2.89 -1.94 47.53
CA GLU E 144 3.64 -2.45 46.38
C GLU E 144 5.12 -2.63 46.69
N ILE E 145 5.62 -1.86 47.65
CA ILE E 145 7.02 -1.89 48.10
C ILE E 145 7.28 -2.92 49.20
N VAL E 146 6.36 -2.97 50.17
CA VAL E 146 6.44 -3.86 51.34
C VAL E 146 6.12 -5.33 51.01
N THR E 147 5.50 -5.57 49.87
CA THR E 147 5.13 -6.93 49.48
C THR E 147 5.54 -7.22 48.03
N HIS E 148 5.72 -8.49 47.67
CA HIS E 148 6.07 -8.86 46.29
C HIS E 148 4.83 -8.63 45.42
N SER E 149 4.63 -7.39 44.98
CA SER E 149 3.48 -7.08 44.13
C SER E 149 3.83 -7.33 42.69
N PHE E 150 2.86 -7.84 41.94
CA PHE E 150 3.08 -8.16 40.54
C PHE E 150 1.74 -8.33 39.89
N ASN E 151 1.71 -8.42 38.57
CA ASN E 151 0.45 -8.61 37.89
C ASN E 151 0.32 -10.04 37.41
N CYS E 152 -0.46 -10.83 38.13
CA CYS E 152 -0.66 -12.21 37.75
C CYS E 152 -2.00 -12.39 37.02
N GLY E 153 -1.93 -12.92 35.82
CA GLY E 153 -3.13 -13.16 35.03
C GLY E 153 -4.01 -11.93 34.90
N GLY E 154 -3.41 -10.74 34.84
CA GLY E 154 -4.18 -9.52 34.73
C GLY E 154 -4.47 -8.85 36.06
N GLU E 155 -4.61 -9.66 37.11
CA GLU E 155 -4.87 -9.21 38.47
C GLU E 155 -3.63 -8.73 39.24
N PHE E 156 -3.84 -7.89 40.24
CA PHE E 156 -2.71 -7.37 41.03
C PHE E 156 -2.56 -8.09 42.35
N PHE E 157 -1.47 -8.84 42.49
CA PHE E 157 -1.18 -9.60 43.70
C PHE E 157 -0.25 -8.84 44.65
N TYR E 158 -0.50 -8.98 45.95
CA TYR E 158 0.32 -8.36 46.98
C TYR E 158 0.63 -9.51 47.92
N CYS E 159 1.75 -10.17 47.63
CA CYS E 159 2.22 -11.33 48.38
C CYS E 159 3.12 -10.96 49.54
N ASN E 160 2.68 -11.34 50.74
CA ASN E 160 3.41 -11.10 51.99
C ASN E 160 4.64 -12.01 52.01
N SER E 161 5.84 -11.42 51.98
CA SER E 161 7.07 -12.19 51.92
C SER E 161 7.95 -12.27 53.16
N THR E 162 7.41 -11.99 54.35
CA THR E 162 8.24 -12.05 55.55
C THR E 162 9.03 -13.34 55.64
N GLN E 163 8.46 -14.43 55.11
CA GLN E 163 9.08 -15.75 55.13
C GLN E 163 10.24 -15.98 54.19
N LEU E 164 10.45 -15.06 53.26
CA LEU E 164 11.55 -15.20 52.33
C LEU E 164 12.74 -14.42 52.86
N PHE E 165 12.45 -13.32 53.54
CA PHE E 165 13.51 -12.47 54.08
C PHE E 165 13.46 -12.35 55.60
N ASN E 166 13.86 -13.43 56.27
CA ASN E 166 13.89 -13.49 57.72
C ASN E 166 14.76 -14.67 58.10
N SER E 167 16.07 -14.45 58.12
CA SER E 167 17.02 -15.50 58.44
C SER E 167 18.37 -14.90 58.75
N THR E 168 19.31 -15.74 59.18
CA THR E 168 20.64 -15.26 59.49
C THR E 168 21.69 -16.23 58.97
N TRP E 169 22.80 -15.67 58.50
CA TRP E 169 23.90 -16.43 57.94
C TRP E 169 25.20 -15.73 58.30
N PHE E 170 26.30 -16.29 57.81
CA PHE E 170 27.62 -15.72 58.04
C PHE E 170 28.39 -15.81 56.72
N GLY F 1 10.35 -33.55 53.70
CA GLY F 1 9.84 -34.25 52.53
C GLY F 1 9.54 -33.32 51.38
N SER F 2 8.40 -32.64 51.45
CA SER F 2 7.99 -31.71 50.39
C SER F 2 7.57 -30.39 51.04
N ASP F 3 8.47 -29.82 51.83
CA ASP F 3 8.23 -28.57 52.53
C ASP F 3 8.25 -27.37 51.58
N THR F 4 7.11 -26.72 51.42
CA THR F 4 7.02 -25.55 50.54
C THR F 4 6.76 -24.26 51.34
N ILE F 5 7.38 -23.17 50.90
CA ILE F 5 7.21 -21.88 51.54
C ILE F 5 5.92 -21.27 51.03
N THR F 6 4.88 -21.34 51.86
CA THR F 6 3.59 -20.76 51.52
C THR F 6 3.58 -19.28 51.91
N LEU F 7 3.31 -18.44 50.94
CA LEU F 7 3.25 -16.99 51.16
C LEU F 7 1.83 -16.51 51.01
N PRO F 8 1.32 -15.78 52.02
CA PRO F 8 -0.05 -15.25 51.98
C PRO F 8 -0.01 -14.19 50.88
N CYS F 9 -1.06 -14.12 50.09
CA CYS F 9 -1.11 -13.17 48.99
C CYS F 9 -2.49 -12.51 48.97
N ARG F 10 -2.58 -11.33 48.37
CA ARG F 10 -3.86 -10.62 48.30
C ARG F 10 -3.98 -9.85 46.98
N ILE F 11 -5.17 -9.89 46.39
CA ILE F 11 -5.44 -9.20 45.13
C ILE F 11 -6.14 -7.88 45.47
N LYS F 12 -5.46 -6.76 45.22
CA LYS F 12 -6.03 -5.45 45.48
C LYS F 12 -6.54 -4.82 44.21
N GLN F 13 -7.51 -3.93 44.33
CA GLN F 13 -8.09 -3.25 43.17
C GLN F 13 -7.61 -1.78 43.12
N ILE F 14 -7.44 -1.16 44.28
CA ILE F 14 -6.97 0.22 44.37
C ILE F 14 -5.45 0.12 44.58
N ILE F 15 -4.67 0.61 43.63
CA ILE F 15 -3.21 0.55 43.75
C ILE F 15 -2.52 1.88 43.54
N ASN F 16 -1.33 2.02 44.11
CA ASN F 16 -0.51 3.22 43.92
C ASN F 16 0.20 2.89 42.60
N MET F 17 0.20 3.83 41.66
CA MET F 17 0.85 3.58 40.37
C MET F 17 2.37 3.57 40.45
N TRP F 18 2.98 2.80 39.54
CA TRP F 18 4.44 2.70 39.43
C TRP F 18 4.89 3.63 38.30
N GLN F 19 3.99 3.91 37.35
CA GLN F 19 4.29 4.76 36.20
C GLN F 19 4.65 6.16 36.64
N LYS F 20 3.76 6.75 37.44
CA LYS F 20 3.91 8.11 37.96
C LYS F 20 3.20 8.10 39.32
N VAL F 21 3.33 9.20 40.09
CA VAL F 21 2.70 9.27 41.40
C VAL F 21 1.19 9.40 41.29
N GLY F 22 0.52 8.26 41.21
CA GLY F 22 -0.93 8.27 41.10
C GLY F 22 -1.56 7.09 41.82
N LYS F 23 -2.87 6.97 41.66
CA LYS F 23 -3.65 5.91 42.26
C LYS F 23 -4.57 5.40 41.15
N ALA F 24 -4.92 4.13 41.19
CA ALA F 24 -5.81 3.57 40.16
C ALA F 24 -6.68 2.47 40.76
N MET F 25 -7.83 2.22 40.13
CA MET F 25 -8.76 1.21 40.60
C MET F 25 -9.20 0.35 39.43
N TYR F 26 -9.09 -0.96 39.58
CA TYR F 26 -9.49 -1.87 38.53
C TYR F 26 -10.70 -2.71 38.97
N ALA F 27 -11.37 -3.35 38.02
CA ALA F 27 -12.52 -4.17 38.33
C ALA F 27 -12.08 -5.41 39.11
N PRO F 28 -13.01 -6.03 39.85
CA PRO F 28 -12.68 -7.24 40.62
C PRO F 28 -12.51 -8.42 39.65
N PRO F 29 -11.98 -9.54 40.14
CA PRO F 29 -11.80 -10.70 39.25
C PRO F 29 -13.10 -11.26 38.71
N ILE F 30 -12.99 -11.99 37.60
CA ILE F 30 -14.12 -12.66 36.97
C ILE F 30 -13.80 -14.16 36.89
N SER F 31 -12.50 -14.46 36.87
CA SER F 31 -12.03 -15.84 36.81
C SER F 31 -11.90 -16.41 38.20
N GLY F 32 -12.12 -17.72 38.32
CA GLY F 32 -12.02 -18.38 39.61
C GLY F 32 -10.82 -19.30 39.65
N GLN F 33 -9.91 -19.10 38.71
CA GLN F 33 -8.70 -19.91 38.61
C GLN F 33 -7.54 -19.07 38.05
N ILE F 34 -7.19 -18.01 38.76
CA ILE F 34 -6.08 -17.14 38.37
C ILE F 34 -4.86 -17.99 38.75
N ARG F 35 -4.03 -18.34 37.77
CA ARG F 35 -2.87 -19.20 38.03
C ARG F 35 -1.62 -18.77 37.29
N CYS F 36 -0.57 -18.45 38.04
CA CYS F 36 0.71 -18.05 37.46
C CYS F 36 1.84 -18.93 37.94
N SER F 37 2.85 -19.07 37.08
CA SER F 37 4.03 -19.86 37.41
C SER F 37 5.19 -19.06 36.87
N SER F 38 5.86 -18.33 37.75
CA SER F 38 6.99 -17.51 37.35
C SER F 38 8.31 -18.06 37.86
N ASN F 39 9.39 -17.65 37.20
CA ASN F 39 10.71 -18.07 37.60
C ASN F 39 11.47 -16.90 38.20
N ILE F 40 11.74 -16.97 39.51
CA ILE F 40 12.49 -15.93 40.15
C ILE F 40 13.84 -16.04 39.47
N THR F 41 14.28 -14.93 38.93
CA THR F 41 15.54 -14.82 38.22
C THR F 41 16.44 -13.86 38.99
N GLY F 42 15.88 -13.16 39.96
CA GLY F 42 16.68 -12.24 40.74
C GLY F 42 16.11 -11.78 42.06
N LEU F 43 16.63 -10.64 42.50
CA LEU F 43 16.24 -10.05 43.77
C LEU F 43 16.74 -8.62 43.71
N LEU F 44 16.02 -7.71 44.36
CA LEU F 44 16.38 -6.30 44.42
C LEU F 44 16.38 -6.03 45.92
N LEU F 45 17.56 -5.81 46.50
CA LEU F 45 17.65 -5.57 47.94
C LEU F 45 18.00 -4.14 48.36
N THR F 46 18.27 -4.00 49.65
CA THR F 46 18.64 -2.76 50.29
C THR F 46 19.29 -3.14 51.62
N ARG F 47 20.25 -2.34 52.09
CA ARG F 47 20.93 -2.66 53.35
C ARG F 47 20.72 -1.68 54.50
N ASP F 48 20.58 -2.22 55.71
CA ASP F 48 20.40 -1.39 56.90
C ASP F 48 21.71 -0.64 57.11
N GLY F 49 21.62 0.58 57.63
CA GLY F 49 22.82 1.36 57.85
C GLY F 49 23.17 1.61 59.30
N GLY F 50 23.92 2.68 59.53
CA GLY F 50 24.33 3.05 60.88
C GLY F 50 25.18 1.98 61.55
N ASN F 51 25.65 1.03 60.75
CA ASN F 51 26.47 -0.09 61.23
C ASN F 51 27.53 -0.38 60.17
N SER F 52 28.02 0.67 59.52
CA SER F 52 29.01 0.56 58.47
C SER F 52 30.23 -0.28 58.89
N ASN F 53 30.59 -1.23 58.02
CA ASN F 53 31.75 -2.11 58.21
C ASN F 53 31.81 -2.97 59.48
N ASN F 54 30.76 -2.92 60.31
CA ASN F 54 30.73 -3.69 61.56
C ASN F 54 30.40 -5.18 61.31
N GLU F 55 30.32 -5.98 62.36
CA GLU F 55 30.06 -7.41 62.24
C GLU F 55 28.83 -7.95 61.49
N SER F 56 27.75 -7.19 61.44
CA SER F 56 26.56 -7.69 60.73
C SER F 56 26.04 -6.72 59.70
N GLU F 57 25.33 -7.25 58.70
CA GLU F 57 24.74 -6.42 57.65
C GLU F 57 23.36 -6.97 57.38
N ILE F 58 22.33 -6.15 57.62
CA ILE F 58 20.95 -6.55 57.39
C ILE F 58 20.57 -6.15 55.98
N PHE F 59 19.88 -7.05 55.27
CA PHE F 59 19.44 -6.78 53.89
C PHE F 59 17.96 -7.08 53.79
N ARG F 60 17.21 -6.11 53.29
CA ARG F 60 15.76 -6.29 53.14
C ARG F 60 15.38 -6.18 51.69
N PRO F 61 14.24 -6.76 51.31
CA PRO F 61 13.75 -6.71 49.94
C PRO F 61 13.46 -5.27 49.53
N GLY F 62 13.48 -5.00 48.22
CA GLY F 62 13.24 -3.66 47.76
C GLY F 62 12.48 -3.66 46.46
N GLY F 63 12.68 -2.63 45.67
CA GLY F 63 12.00 -2.52 44.40
C GLY F 63 11.21 -1.23 44.42
N GLY F 64 10.51 -0.95 43.34
CA GLY F 64 9.74 0.28 43.27
C GLY F 64 10.09 1.02 42.00
N ASP F 65 11.38 1.23 41.78
CA ASP F 65 11.79 1.92 40.57
C ASP F 65 11.81 0.83 39.51
N MET F 66 10.84 0.85 38.62
CA MET F 66 10.78 -0.17 37.58
C MET F 66 12.01 -0.07 36.67
N ARG F 67 12.73 1.05 36.76
CA ARG F 67 13.94 1.24 35.97
C ARG F 67 14.93 0.19 36.44
N ASP F 68 14.98 -0.03 37.74
CA ASP F 68 15.87 -1.03 38.31
C ASP F 68 15.55 -2.46 37.83
N ASN F 69 14.41 -2.61 37.16
CA ASN F 69 13.95 -3.88 36.59
C ASN F 69 14.46 -4.02 35.16
N TRP F 70 14.53 -2.88 34.46
CA TRP F 70 15.03 -2.87 33.10
C TRP F 70 16.57 -2.95 33.17
N ARG F 71 17.14 -2.29 34.16
CA ARG F 71 18.59 -2.24 34.38
C ARG F 71 19.24 -3.62 34.52
N SER F 72 18.51 -4.57 35.10
CA SER F 72 19.01 -5.94 35.29
C SER F 72 19.17 -6.71 33.99
N GLU F 73 18.44 -6.30 32.97
CA GLU F 73 18.48 -6.93 31.65
C GLU F 73 19.34 -6.16 30.66
N LEU F 74 19.39 -4.84 30.83
CA LEU F 74 20.15 -3.97 29.94
C LEU F 74 21.55 -3.59 30.40
N TYR F 75 21.96 -4.04 31.58
CA TYR F 75 23.27 -3.71 32.12
C TYR F 75 24.44 -3.86 31.13
N LYS F 76 24.45 -4.97 30.41
CA LYS F 76 25.52 -5.29 29.47
C LYS F 76 25.45 -4.58 28.11
N TYR F 77 24.57 -3.58 27.99
CA TYR F 77 24.40 -2.89 26.73
C TYR F 77 24.70 -1.40 26.82
N LYS F 78 24.90 -0.78 25.66
CA LYS F 78 25.19 0.65 25.58
C LYS F 78 25.04 1.13 24.15
N VAL F 79 24.56 2.36 24.00
CA VAL F 79 24.36 2.94 22.68
C VAL F 79 25.48 3.94 22.39
N VAL F 80 26.19 3.71 21.29
CA VAL F 80 27.30 4.59 20.89
C VAL F 80 26.95 5.26 19.57
N LYS F 81 27.31 6.52 19.41
CA LYS F 81 27.01 7.22 18.17
C LYS F 81 27.88 6.67 17.04
N ILE F 82 27.22 6.29 15.95
CA ILE F 82 27.84 5.74 14.75
C ILE F 82 27.65 6.73 13.60
N GLU F 83 28.65 6.84 12.72
CA GLU F 83 28.58 7.73 11.56
C GLU F 83 27.95 7.01 10.35
N THR G 1 23.26 -0.55 -35.42
CA THR G 1 22.87 -1.63 -36.31
C THR G 1 24.06 -2.55 -36.57
N GLU G 2 23.92 -3.45 -37.54
CA GLU G 2 24.96 -4.40 -37.90
C GLU G 2 25.49 -5.04 -36.62
N ASN G 3 24.72 -5.97 -36.08
CA ASN G 3 25.08 -6.63 -34.83
C ASN G 3 25.15 -8.15 -34.98
N PHE G 4 25.52 -8.82 -33.89
CA PHE G 4 25.65 -10.27 -33.91
C PHE G 4 24.68 -11.01 -32.98
N ASN G 5 24.18 -12.14 -33.47
CA ASN G 5 23.25 -13.02 -32.77
C ASN G 5 23.68 -14.48 -33.06
N MET G 6 23.17 -15.45 -32.28
CA MET G 6 23.52 -16.86 -32.51
C MET G 6 22.73 -17.92 -31.72
N TRP G 7 23.14 -19.19 -31.90
CA TRP G 7 22.57 -20.37 -31.25
C TRP G 7 22.99 -20.44 -29.78
N LYS G 8 22.90 -19.31 -29.10
CA LYS G 8 23.30 -19.20 -27.70
C LYS G 8 22.08 -18.92 -26.82
N ASN G 9 21.73 -17.65 -26.63
CA ASN G 9 20.59 -17.34 -25.78
C ASN G 9 19.90 -15.98 -26.00
N ASP G 10 19.42 -15.44 -24.88
CA ASP G 10 18.74 -14.16 -24.73
C ASP G 10 17.93 -14.47 -23.49
N MET G 11 17.08 -15.48 -23.63
CA MET G 11 16.23 -15.95 -22.56
C MET G 11 16.15 -17.46 -22.60
N VAL G 12 16.97 -18.12 -23.43
CA VAL G 12 16.90 -19.58 -23.48
C VAL G 12 17.14 -20.16 -22.08
N GLU G 13 18.26 -19.81 -21.45
CA GLU G 13 18.53 -20.30 -20.11
C GLU G 13 17.58 -19.67 -19.10
N GLN G 14 17.24 -18.39 -19.31
CA GLN G 14 16.33 -17.65 -18.43
C GLN G 14 14.95 -18.26 -18.46
N MET G 15 14.32 -18.21 -19.63
CA MET G 15 12.99 -18.77 -19.88
C MET G 15 12.93 -20.20 -19.34
N HIS G 16 13.87 -21.05 -19.75
CA HIS G 16 13.92 -22.44 -19.28
C HIS G 16 13.69 -22.50 -17.77
N GLU G 17 14.41 -21.66 -17.03
CA GLU G 17 14.28 -21.63 -15.58
C GLU G 17 12.96 -21.03 -15.13
N ASP G 18 12.37 -20.14 -15.93
CA ASP G 18 11.07 -19.56 -15.56
C ASP G 18 10.00 -20.62 -15.73
N ILE G 19 10.04 -21.32 -16.87
CA ILE G 19 9.11 -22.39 -17.20
C ILE G 19 9.26 -23.57 -16.26
N ILE G 20 10.48 -23.95 -15.92
CA ILE G 20 10.67 -25.04 -14.97
C ILE G 20 10.04 -24.61 -13.65
N SER G 21 10.21 -23.34 -13.28
CA SER G 21 9.65 -22.85 -12.03
C SER G 21 8.15 -22.54 -12.13
N LEU G 22 7.63 -22.57 -13.35
CA LEU G 22 6.23 -22.29 -13.57
C LEU G 22 5.49 -23.61 -13.44
N TRP G 23 6.03 -24.64 -14.07
CA TRP G 23 5.45 -25.97 -14.04
C TRP G 23 5.34 -26.45 -12.61
N ASP G 24 6.42 -26.29 -11.85
CA ASP G 24 6.45 -26.69 -10.46
C ASP G 24 5.25 -26.14 -9.68
N GLN G 25 5.01 -24.83 -9.77
CA GLN G 25 3.91 -24.17 -9.06
C GLN G 25 2.52 -24.61 -9.57
N SER G 26 2.48 -25.11 -10.80
CA SER G 26 1.22 -25.55 -11.41
C SER G 26 0.97 -27.05 -11.33
N LEU G 27 1.53 -27.79 -12.28
CA LEU G 27 1.34 -29.26 -12.36
C LEU G 27 2.11 -30.03 -11.30
N LYS G 28 1.57 -30.09 -10.10
CA LYS G 28 2.20 -30.82 -9.00
C LYS G 28 1.97 -32.33 -9.05
N PRO G 29 3.05 -33.12 -8.96
CA PRO G 29 2.95 -34.58 -9.00
C PRO G 29 3.31 -35.22 -7.67
N CYS G 30 4.11 -36.27 -7.77
CA CYS G 30 4.63 -37.05 -6.67
C CYS G 30 5.99 -37.49 -7.28
N VAL G 31 6.94 -36.55 -7.20
CA VAL G 31 8.30 -36.61 -7.76
C VAL G 31 9.26 -37.67 -7.24
N LYS G 32 10.31 -37.94 -8.01
CA LYS G 32 11.33 -38.90 -7.66
C LYS G 32 12.59 -38.63 -8.51
N LEU G 33 13.60 -38.01 -7.91
CA LEU G 33 14.84 -37.64 -8.60
C LEU G 33 16.06 -38.27 -7.94
N THR G 34 17.05 -38.62 -8.76
CA THR G 34 18.27 -39.27 -8.28
C THR G 34 19.57 -38.51 -8.02
N PRO G 35 19.96 -38.34 -6.75
CA PRO G 35 21.19 -37.65 -6.36
C PRO G 35 22.17 -38.81 -6.14
N THR H 1 18.25 -40.58 -2.93
CA THR H 1 17.37 -40.73 -4.09
C THR H 1 16.07 -40.19 -3.54
N SER H 2 15.91 -38.88 -3.67
CA SER H 2 14.74 -38.19 -3.15
C SER H 2 13.39 -38.46 -3.78
N VAL H 3 12.46 -38.96 -2.96
CA VAL H 3 11.10 -39.23 -3.40
C VAL H 3 10.28 -38.17 -2.69
N ILE H 4 9.29 -37.62 -3.37
CA ILE H 4 8.43 -36.61 -2.78
C ILE H 4 6.99 -36.92 -3.05
N THR H 5 6.22 -37.03 -1.97
CA THR H 5 4.80 -37.34 -2.03
C THR H 5 4.00 -36.08 -1.79
N GLN H 6 3.64 -35.40 -2.87
CA GLN H 6 2.85 -34.18 -2.75
C GLN H 6 1.42 -34.59 -2.97
N ALA H 7 0.50 -33.73 -2.57
CA ALA H 7 -0.91 -33.99 -2.77
C ALA H 7 -1.11 -33.79 -4.27
N CYS H 8 -0.77 -34.83 -5.03
CA CYS H 8 -0.89 -34.87 -6.49
C CYS H 8 -2.32 -34.38 -6.81
N PRO H 9 -2.45 -33.16 -7.38
CA PRO H 9 -3.77 -32.61 -7.71
C PRO H 9 -4.16 -32.48 -9.18
N LYS H 10 -5.46 -32.65 -9.45
CA LYS H 10 -5.99 -32.56 -10.81
C LYS H 10 -6.27 -31.11 -11.19
N VAL H 11 -5.23 -30.41 -11.61
CA VAL H 11 -5.37 -29.02 -12.01
C VAL H 11 -5.33 -28.99 -13.54
N SER H 12 -5.56 -27.82 -14.10
CA SER H 12 -5.55 -27.60 -15.55
C SER H 12 -4.42 -26.64 -15.89
N PHE H 13 -3.44 -27.12 -16.65
CA PHE H 13 -2.31 -26.29 -17.04
C PHE H 13 -2.65 -25.48 -18.29
N GLU H 14 -2.56 -24.16 -18.19
CA GLU H 14 -2.86 -23.30 -19.35
C GLU H 14 -1.68 -22.38 -19.62
N PRO H 15 -1.34 -22.19 -20.90
CA PRO H 15 -0.22 -21.32 -21.32
C PRO H 15 -0.57 -19.84 -21.41
N ILE H 16 0.18 -19.04 -20.67
CA ILE H 16 0.01 -17.59 -20.67
C ILE H 16 1.14 -17.03 -21.52
N PRO H 17 0.82 -16.29 -22.58
CA PRO H 17 1.89 -15.73 -23.42
C PRO H 17 2.84 -14.95 -22.51
N ILE H 18 4.09 -15.33 -22.53
CA ILE H 18 5.06 -14.64 -21.70
C ILE H 18 5.90 -13.64 -22.50
N HIS H 19 5.92 -12.40 -22.03
CA HIS H 19 6.69 -11.37 -22.68
C HIS H 19 7.98 -11.23 -21.89
N TYR H 20 9.11 -11.21 -22.58
CA TYR H 20 10.39 -11.02 -21.92
C TYR H 20 10.95 -9.67 -22.31
N CYS H 21 11.04 -8.79 -21.33
CA CYS H 21 11.53 -7.44 -21.54
C CYS H 21 12.99 -7.31 -21.16
N ALA H 22 13.54 -6.11 -21.29
CA ALA H 22 14.94 -5.86 -20.96
C ALA H 22 15.26 -6.11 -19.48
N PRO H 23 16.32 -6.89 -19.23
CA PRO H 23 16.76 -7.23 -17.87
C PRO H 23 17.82 -6.26 -17.36
N ALA H 24 17.42 -5.40 -16.42
CA ALA H 24 18.32 -4.43 -15.81
C ALA H 24 19.04 -3.53 -16.82
N GLY H 25 20.31 -3.23 -16.54
CA GLY H 25 21.09 -2.41 -17.43
C GLY H 25 21.51 -3.13 -18.69
N PHE H 26 20.55 -3.70 -19.40
CA PHE H 26 20.77 -4.44 -20.64
C PHE H 26 19.68 -3.98 -21.62
N ALA H 27 19.80 -4.36 -22.89
CA ALA H 27 18.81 -3.99 -23.90
C ALA H 27 18.55 -5.14 -24.85
N ILE H 28 17.29 -5.34 -25.23
CA ILE H 28 16.95 -6.42 -26.15
C ILE H 28 17.08 -5.89 -27.57
N LEU H 29 17.78 -6.65 -28.42
CA LEU H 29 17.99 -6.27 -29.82
C LEU H 29 17.33 -7.27 -30.76
N LYS H 30 16.17 -6.92 -31.28
CA LYS H 30 15.45 -7.78 -32.21
C LYS H 30 16.03 -7.67 -33.61
N CYS H 31 16.34 -8.80 -34.24
CA CYS H 31 16.82 -8.76 -35.61
C CYS H 31 15.54 -8.74 -36.44
N ASN H 32 15.44 -7.76 -37.33
CA ASN H 32 14.25 -7.62 -38.17
C ASN H 32 14.34 -8.32 -39.52
N ASN H 33 15.48 -8.94 -39.80
CA ASN H 33 15.67 -9.67 -41.05
C ASN H 33 14.59 -10.75 -41.10
N LYS H 34 13.59 -10.54 -41.96
CA LYS H 34 12.45 -11.45 -42.11
C LYS H 34 12.82 -12.93 -42.14
N THR H 35 14.00 -13.23 -42.65
CA THR H 35 14.47 -14.60 -42.76
C THR H 35 15.84 -14.76 -42.07
N PHE H 36 15.96 -14.27 -40.84
CA PHE H 36 17.23 -14.40 -40.13
C PHE H 36 17.44 -15.89 -39.88
N ASN H 37 18.63 -16.36 -40.22
CA ASN H 37 18.94 -17.77 -40.07
C ASN H 37 20.03 -18.09 -39.07
N GLY H 38 19.61 -18.17 -37.81
CA GLY H 38 20.50 -18.50 -36.72
C GLY H 38 21.65 -17.58 -36.39
N THR H 39 22.85 -18.11 -36.56
CA THR H 39 24.09 -17.41 -36.29
C THR H 39 24.46 -16.49 -37.46
N GLY H 40 25.10 -15.38 -37.16
CA GLY H 40 25.49 -14.47 -38.23
C GLY H 40 25.29 -13.01 -37.90
N PRO H 41 25.87 -12.10 -38.70
CA PRO H 41 25.76 -10.67 -38.50
C PRO H 41 24.43 -10.13 -39.05
N CYS H 42 23.46 -9.98 -38.17
CA CYS H 42 22.16 -9.45 -38.56
C CYS H 42 22.33 -8.03 -39.06
N THR H 43 21.86 -7.78 -40.27
CA THR H 43 21.94 -6.44 -40.86
C THR H 43 20.88 -5.54 -40.25
N ASN H 44 19.63 -5.75 -40.67
CA ASN H 44 18.50 -4.98 -40.18
C ASN H 44 18.17 -5.43 -38.75
N VAL H 45 18.37 -4.54 -37.78
CA VAL H 45 18.13 -4.85 -36.36
C VAL H 45 17.76 -3.60 -35.58
N SER H 46 17.03 -3.77 -34.48
CA SER H 46 16.61 -2.65 -33.65
C SER H 46 16.34 -3.02 -32.20
N THR H 47 16.54 -2.06 -31.31
CA THR H 47 16.33 -2.26 -29.89
C THR H 47 14.84 -2.30 -29.59
N VAL H 48 14.45 -3.14 -28.63
CA VAL H 48 13.04 -3.28 -28.22
C VAL H 48 12.98 -3.36 -26.71
N GLN H 49 11.83 -3.01 -26.16
CA GLN H 49 11.64 -3.03 -24.72
C GLN H 49 11.35 -4.46 -24.27
N CYS H 50 10.62 -5.21 -25.10
CA CYS H 50 10.28 -6.60 -24.84
C CYS H 50 10.26 -7.34 -26.17
N THR H 51 10.51 -8.65 -26.13
CA THR H 51 10.54 -9.50 -27.31
C THR H 51 9.23 -9.54 -28.11
N HIS H 52 8.32 -10.44 -27.73
CA HIS H 52 7.01 -10.60 -28.36
C HIS H 52 6.18 -11.58 -27.53
N GLY H 53 4.97 -11.92 -27.99
CA GLY H 53 4.13 -12.83 -27.24
C GLY H 53 4.54 -14.28 -27.39
N ILE H 54 5.41 -14.74 -26.50
CA ILE H 54 5.92 -16.10 -26.57
C ILE H 54 5.08 -17.09 -25.76
N ARG H 55 4.52 -18.10 -26.43
CA ARG H 55 3.72 -19.11 -25.75
C ARG H 55 4.60 -20.31 -25.37
N PRO H 56 4.90 -20.47 -24.08
CA PRO H 56 5.74 -21.58 -23.61
C PRO H 56 5.04 -22.93 -23.66
N VAL H 57 5.16 -23.61 -24.80
CA VAL H 57 4.52 -24.91 -24.94
C VAL H 57 5.58 -25.97 -24.81
N VAL H 58 5.38 -26.87 -23.85
CA VAL H 58 6.31 -27.97 -23.65
C VAL H 58 5.78 -29.17 -24.45
N SER H 59 6.64 -29.74 -25.30
CA SER H 59 6.22 -30.87 -26.12
C SER H 59 7.43 -31.34 -26.92
N THR H 60 7.33 -32.52 -27.51
CA THR H 60 8.44 -33.06 -28.29
C THR H 60 8.17 -33.20 -29.78
N GLN H 61 9.26 -33.30 -30.54
CA GLN H 61 9.26 -33.44 -32.00
C GLN H 61 8.37 -32.52 -32.83
N LEU H 62 7.44 -31.83 -32.19
CA LEU H 62 6.53 -30.92 -32.89
C LEU H 62 6.34 -29.69 -32.03
N LEU H 63 6.82 -28.56 -32.53
CA LEU H 63 6.70 -27.26 -31.86
C LEU H 63 5.27 -26.85 -32.19
N LEU H 64 4.52 -26.44 -31.18
CA LEU H 64 3.13 -26.08 -31.38
C LEU H 64 2.80 -24.70 -30.83
N ASN H 65 1.69 -24.14 -31.31
CA ASN H 65 1.18 -22.85 -30.90
C ASN H 65 2.22 -21.72 -30.84
N GLY H 66 3.15 -21.75 -31.79
CA GLY H 66 4.21 -20.76 -31.82
C GLY H 66 4.34 -19.87 -33.05
N SER H 67 5.51 -19.26 -33.20
CA SER H 67 5.79 -18.35 -34.32
C SER H 67 6.18 -19.04 -35.61
N LEU H 68 5.54 -18.62 -36.71
CA LEU H 68 5.79 -19.17 -38.03
C LEU H 68 6.76 -18.29 -38.79
N ALA H 69 7.24 -18.79 -39.93
CA ALA H 69 8.13 -18.02 -40.77
C ALA H 69 7.21 -17.18 -41.65
N GLU H 70 7.57 -15.92 -41.86
CA GLU H 70 6.73 -15.07 -42.70
C GLU H 70 7.07 -15.17 -44.17
N GLU H 71 8.23 -15.76 -44.48
CA GLU H 71 8.63 -15.90 -45.87
C GLU H 71 8.59 -17.32 -46.41
N GLU H 72 9.61 -18.10 -46.07
CA GLU H 72 9.69 -19.49 -46.51
C GLU H 72 10.06 -20.33 -45.31
N VAL H 73 10.13 -21.64 -45.51
CA VAL H 73 10.50 -22.56 -44.45
C VAL H 73 11.98 -22.30 -44.15
N VAL H 74 12.30 -22.03 -42.89
CA VAL H 74 13.66 -21.77 -42.48
C VAL H 74 14.07 -22.81 -41.45
N ILE H 75 15.24 -23.41 -41.64
CA ILE H 75 15.75 -24.42 -40.73
C ILE H 75 16.95 -23.81 -40.02
N ARG H 76 17.33 -24.36 -38.88
CA ARG H 76 18.46 -23.84 -38.12
C ARG H 76 19.12 -24.93 -37.29
N SER H 77 20.44 -24.88 -37.20
CA SER H 77 21.23 -25.84 -36.44
C SER H 77 22.57 -25.22 -36.11
N VAL H 78 23.19 -25.69 -35.04
CA VAL H 78 24.48 -25.19 -34.60
C VAL H 78 25.51 -25.62 -35.61
N ASN H 79 25.37 -26.86 -36.06
CA ASN H 79 26.29 -27.45 -37.00
C ASN H 79 25.51 -28.46 -37.81
N PHE H 80 25.21 -28.13 -39.05
CA PHE H 80 24.44 -29.02 -39.93
C PHE H 80 25.27 -30.24 -40.31
N THR H 81 26.57 -30.22 -40.01
CA THR H 81 27.47 -31.32 -40.32
C THR H 81 27.47 -32.43 -39.27
N ASP H 82 27.50 -32.04 -38.00
CA ASP H 82 27.50 -32.99 -36.89
C ASP H 82 26.09 -33.55 -36.77
N ASN H 83 25.91 -34.79 -37.21
CA ASN H 83 24.61 -35.46 -37.16
C ASN H 83 23.97 -35.51 -35.77
N ALA H 84 24.78 -35.33 -34.73
CA ALA H 84 24.28 -35.38 -33.37
C ALA H 84 23.49 -34.16 -32.96
N LYS H 85 23.61 -33.07 -33.71
CA LYS H 85 22.93 -31.82 -33.37
C LYS H 85 21.53 -31.59 -33.94
N THR H 86 20.63 -31.18 -33.06
CA THR H 86 19.23 -30.91 -33.40
C THR H 86 19.14 -29.87 -34.51
N ILE H 87 18.18 -30.05 -35.40
CA ILE H 87 17.93 -29.15 -36.51
C ILE H 87 16.51 -28.69 -36.25
N ILE H 88 16.33 -27.39 -36.06
CA ILE H 88 14.99 -26.84 -35.81
C ILE H 88 14.43 -26.39 -37.14
N VAL H 89 13.12 -26.54 -37.33
CA VAL H 89 12.48 -26.16 -38.58
C VAL H 89 11.33 -25.21 -38.29
N GLN H 90 11.36 -24.06 -38.94
CA GLN H 90 10.30 -23.08 -38.79
C GLN H 90 9.48 -23.20 -40.04
N LEU H 91 8.19 -23.47 -39.84
CA LEU H 91 7.28 -23.68 -40.94
C LEU H 91 6.69 -22.45 -41.60
N ASN H 92 6.28 -22.63 -42.85
CA ASN H 92 5.67 -21.56 -43.63
C ASN H 92 4.23 -21.35 -43.18
N THR H 93 3.46 -22.44 -43.20
CA THR H 93 2.05 -22.41 -42.84
C THR H 93 1.77 -23.38 -41.68
N SER H 94 0.82 -23.00 -40.83
CA SER H 94 0.44 -23.84 -39.69
C SER H 94 -0.32 -25.08 -40.16
N VAL H 95 -0.22 -26.13 -39.37
CA VAL H 95 -0.89 -27.39 -39.63
C VAL H 95 -1.65 -27.63 -38.34
N GLU H 96 -2.73 -28.40 -38.42
CA GLU H 96 -3.51 -28.66 -37.24
C GLU H 96 -3.40 -30.10 -36.80
N ILE H 97 -3.45 -30.28 -35.49
CA ILE H 97 -3.38 -31.59 -34.88
C ILE H 97 -4.42 -31.56 -33.77
N ASN H 98 -5.54 -32.22 -34.06
CA ASN H 98 -6.66 -32.31 -33.12
C ASN H 98 -6.48 -33.62 -32.37
N CYS H 99 -6.55 -33.55 -31.04
CA CYS H 99 -6.38 -34.72 -30.19
C CYS H 99 -7.43 -34.77 -29.08
N THR H 100 -7.66 -35.98 -28.57
CA THR H 100 -8.61 -36.23 -27.49
C THR H 100 -8.04 -37.28 -26.55
N GLY H 101 -8.53 -37.32 -25.32
CA GLY H 101 -8.07 -38.30 -24.35
C GLY H 101 -8.33 -39.73 -24.77
N ALA H 102 -9.27 -39.90 -25.70
CA ALA H 102 -9.66 -41.20 -26.26
C ALA H 102 -8.57 -41.92 -27.03
N GLY H 103 -7.34 -41.44 -26.91
CA GLY H 103 -6.23 -42.11 -27.57
C GLY H 103 -5.80 -41.75 -28.97
N HIS H 104 -6.34 -40.70 -29.57
CA HIS H 104 -5.88 -40.37 -30.92
C HIS H 104 -5.70 -38.91 -31.24
N CYS H 105 -4.92 -38.67 -32.28
CA CYS H 105 -4.62 -37.35 -32.79
C CYS H 105 -4.74 -37.43 -34.30
N ASN H 106 -5.58 -36.60 -34.89
CA ASN H 106 -5.67 -36.66 -36.33
C ASN H 106 -5.26 -35.32 -36.92
N ILE H 107 -4.46 -35.41 -37.96
CA ILE H 107 -3.96 -34.24 -38.68
C ILE H 107 -4.19 -34.49 -40.18
N SER H 108 -4.61 -33.44 -40.89
CA SER H 108 -4.89 -33.55 -42.31
C SER H 108 -3.71 -34.16 -43.09
N ARG H 109 -4.02 -35.20 -43.85
CA ARG H 109 -3.05 -35.92 -44.66
C ARG H 109 -2.41 -35.05 -45.75
N ALA H 110 -3.23 -34.24 -46.42
CA ALA H 110 -2.74 -33.38 -47.49
C ALA H 110 -1.92 -32.22 -46.95
N LYS H 111 -2.45 -31.51 -45.96
CA LYS H 111 -1.76 -30.38 -45.35
C LYS H 111 -0.35 -30.75 -44.91
N TRP H 112 -0.21 -31.89 -44.25
CA TRP H 112 1.11 -32.28 -43.76
C TRP H 112 2.06 -32.87 -44.79
N ASN H 113 1.54 -33.54 -45.82
CA ASN H 113 2.44 -34.11 -46.81
C ASN H 113 3.07 -32.98 -47.60
N ASN H 114 2.36 -31.86 -47.70
CA ASN H 114 2.86 -30.68 -48.40
C ASN H 114 4.02 -30.03 -47.65
N THR H 115 3.87 -29.84 -46.35
CA THR H 115 4.94 -29.23 -45.55
C THR H 115 6.19 -30.11 -45.58
N LEU H 116 5.99 -31.40 -45.79
CA LEU H 116 7.10 -32.34 -45.83
C LEU H 116 8.00 -32.09 -47.02
N LYS H 117 7.39 -31.92 -48.19
CA LYS H 117 8.17 -31.68 -49.40
C LYS H 117 8.80 -30.29 -49.37
N GLN H 118 8.22 -29.40 -48.57
CA GLN H 118 8.77 -28.06 -48.42
C GLN H 118 10.04 -28.19 -47.58
N ILE H 119 9.93 -28.86 -46.44
CA ILE H 119 11.08 -29.08 -45.56
C ILE H 119 12.10 -29.90 -46.34
N ALA H 120 11.63 -30.77 -47.22
CA ALA H 120 12.53 -31.60 -48.02
C ALA H 120 13.31 -30.77 -49.01
N SER H 121 12.75 -29.64 -49.42
CA SER H 121 13.39 -28.74 -50.37
C SER H 121 14.53 -27.93 -49.76
N LYS H 122 15.21 -28.49 -48.75
CA LYS H 122 16.32 -27.79 -48.12
C LYS H 122 17.09 -28.53 -47.04
N LEU H 123 16.84 -29.82 -46.85
CA LEU H 123 17.52 -30.58 -45.79
C LEU H 123 19.06 -30.68 -45.81
N ARG H 124 19.65 -30.91 -44.63
CA ARG H 124 21.11 -30.98 -44.38
C ARG H 124 22.10 -30.62 -45.46
N GLU H 125 21.97 -31.20 -46.64
CA GLU H 125 22.85 -30.88 -47.77
C GLU H 125 22.98 -29.34 -47.79
N GLN H 126 21.95 -28.69 -47.25
CA GLN H 126 21.83 -27.24 -47.09
C GLN H 126 21.15 -26.59 -48.27
N PHE H 127 19.84 -26.84 -48.37
CA PHE H 127 19.02 -26.34 -49.46
C PHE H 127 19.68 -26.95 -50.68
N GLY H 128 20.28 -28.12 -50.46
CA GLY H 128 21.00 -28.83 -51.49
C GLY H 128 20.31 -28.82 -52.83
N ASN H 129 21.11 -28.61 -53.87
CA ASN H 129 20.59 -28.58 -55.23
C ASN H 129 19.72 -29.81 -55.46
N ASN H 130 20.14 -30.95 -54.91
CA ASN H 130 19.38 -32.19 -55.00
C ASN H 130 20.05 -33.49 -54.58
N LYS H 131 19.23 -34.37 -54.01
CA LYS H 131 19.59 -35.69 -53.54
C LYS H 131 18.33 -36.29 -52.93
N THR H 132 18.41 -37.53 -52.49
CA THR H 132 17.26 -38.21 -51.91
C THR H 132 17.08 -37.84 -50.43
N ILE H 133 15.92 -37.30 -50.09
CA ILE H 133 15.61 -36.94 -48.70
C ILE H 133 14.63 -37.97 -48.14
N ILE H 134 15.02 -38.61 -47.04
CA ILE H 134 14.18 -39.63 -46.44
C ILE H 134 13.76 -39.28 -45.02
N PHE H 135 12.47 -39.47 -44.77
CA PHE H 135 11.90 -39.23 -43.47
C PHE H 135 11.56 -40.59 -42.87
N LYS H 136 12.26 -40.96 -41.80
CA LYS H 136 12.02 -42.21 -41.08
C LYS H 136 11.64 -41.73 -39.70
N GLN H 137 11.40 -42.66 -38.77
CA GLN H 137 11.06 -42.27 -37.42
C GLN H 137 12.13 -42.59 -36.40
N SER H 138 11.86 -42.23 -35.16
CA SER H 138 12.81 -42.42 -34.09
C SER H 138 13.49 -43.78 -34.00
N SER H 139 14.79 -43.74 -33.74
CA SER H 139 15.60 -44.94 -33.59
C SER H 139 15.27 -45.62 -32.25
N GLY H 140 15.04 -44.79 -31.23
CA GLY H 140 14.73 -45.32 -29.92
C GLY H 140 14.98 -44.32 -28.81
N GLY H 141 14.80 -44.76 -27.57
CA GLY H 141 15.01 -43.89 -26.43
C GLY H 141 13.72 -43.66 -25.67
N ASP H 142 13.78 -42.80 -24.67
CA ASP H 142 12.61 -42.48 -23.83
C ASP H 142 11.29 -42.32 -24.58
N PRO H 143 10.16 -42.61 -23.90
CA PRO H 143 8.87 -42.48 -24.54
C PRO H 143 8.62 -41.03 -24.98
N GLU H 144 9.01 -40.08 -24.15
CA GLU H 144 8.84 -38.65 -24.43
C GLU H 144 9.59 -38.21 -25.68
N ILE H 145 10.68 -38.93 -25.99
CA ILE H 145 11.53 -38.66 -27.15
C ILE H 145 11.07 -39.37 -28.42
N VAL H 146 10.68 -40.64 -28.27
CA VAL H 146 10.23 -41.50 -29.35
C VAL H 146 8.82 -41.18 -29.87
N THR H 147 8.05 -40.44 -29.09
CA THR H 147 6.69 -40.09 -29.47
C THR H 147 6.42 -38.59 -29.26
N HIS H 148 5.44 -38.03 -29.97
CA HIS H 148 5.10 -36.60 -29.80
C HIS H 148 4.41 -36.45 -28.45
N SER H 149 5.20 -36.32 -27.39
CA SER H 149 4.64 -36.16 -26.05
C SER H 149 4.36 -34.69 -25.79
N PHE H 150 3.27 -34.42 -25.11
CA PHE H 150 2.88 -33.06 -24.82
C PHE H 150 1.85 -33.09 -23.72
N ASN H 151 1.52 -31.94 -23.17
CA ASN H 151 0.51 -31.89 -22.13
C ASN H 151 -0.80 -31.34 -22.67
N CYS H 152 -1.74 -32.23 -22.93
CA CYS H 152 -3.02 -31.82 -23.44
C CYS H 152 -4.06 -31.78 -22.32
N GLY H 153 -4.68 -30.61 -22.14
CA GLY H 153 -5.69 -30.46 -21.12
C GLY H 153 -5.25 -30.92 -19.75
N GLY H 154 -3.97 -30.73 -19.42
CA GLY H 154 -3.45 -31.16 -18.13
C GLY H 154 -2.85 -32.55 -18.15
N GLU H 155 -3.38 -33.42 -19.00
CA GLU H 155 -2.91 -34.80 -19.15
C GLU H 155 -1.68 -34.95 -20.05
N PHE H 156 -0.93 -36.03 -19.87
CA PHE H 156 0.27 -36.27 -20.66
C PHE H 156 0.02 -37.26 -21.79
N PHE H 157 0.07 -36.78 -23.03
CA PHE H 157 -0.13 -37.61 -24.20
C PHE H 157 1.18 -38.11 -24.81
N TYR H 158 1.17 -39.35 -25.31
CA TYR H 158 2.32 -39.96 -25.95
C TYR H 158 1.76 -40.48 -27.26
N CYS H 159 1.82 -39.61 -28.27
CA CYS H 159 1.31 -39.90 -29.60
C CYS H 159 2.33 -40.55 -30.51
N ASN H 160 2.00 -41.75 -30.98
CA ASN H 160 2.84 -42.53 -31.89
C ASN H 160 2.83 -41.86 -33.26
N SER H 161 3.99 -41.35 -33.69
CA SER H 161 4.06 -40.63 -34.96
C SER H 161 4.73 -41.29 -36.15
N THR H 162 4.87 -42.62 -36.15
CA THR H 162 5.52 -43.28 -37.28
C THR H 162 4.96 -42.82 -38.62
N GLN H 163 3.67 -42.48 -38.63
CA GLN H 163 2.97 -42.04 -39.85
C GLN H 163 3.28 -40.64 -40.34
N LEU H 164 3.97 -39.85 -39.53
CA LEU H 164 4.31 -38.51 -39.93
C LEU H 164 5.71 -38.53 -40.51
N PHE H 165 6.55 -39.40 -39.97
CA PHE H 165 7.94 -39.48 -40.42
C PHE H 165 8.29 -40.86 -41.00
N ASN H 166 7.78 -41.11 -42.20
CA ASN H 166 8.02 -42.37 -42.90
C ASN H 166 7.64 -42.13 -44.36
N SER H 167 8.59 -41.58 -45.11
CA SER H 167 8.35 -41.27 -46.51
C SER H 167 9.66 -41.00 -47.21
N THR H 168 9.62 -40.83 -48.52
CA THR H 168 10.81 -40.55 -49.29
C THR H 168 10.54 -39.46 -50.33
N TRP H 169 11.54 -38.61 -50.54
CA TRP H 169 11.47 -37.51 -51.48
C TRP H 169 12.85 -37.31 -52.10
N PHE H 170 12.94 -36.29 -52.95
CA PHE H 170 14.19 -35.97 -53.61
C PHE H 170 14.32 -34.45 -53.59
N GLY I 1 -10.74 -37.85 -50.55
CA GLY I 1 -11.81 -36.98 -50.10
C GLY I 1 -11.46 -36.22 -48.82
N SER I 2 -11.57 -36.91 -47.69
CA SER I 2 -11.25 -36.29 -46.41
C SER I 2 -10.32 -37.23 -45.62
N ASP I 3 -9.20 -37.57 -46.25
CA ASP I 3 -8.21 -38.47 -45.66
C ASP I 3 -7.43 -37.78 -44.55
N THR I 4 -7.59 -38.25 -43.32
CA THR I 4 -6.87 -37.68 -42.18
C THR I 4 -5.85 -38.67 -41.60
N ILE I 5 -4.70 -38.14 -41.18
CA ILE I 5 -3.65 -38.94 -40.59
C ILE I 5 -3.99 -39.18 -39.14
N THR I 6 -4.49 -40.38 -38.85
CA THR I 6 -4.84 -40.76 -37.49
C THR I 6 -3.60 -41.31 -36.79
N LEU I 7 -3.26 -40.70 -35.66
CA LEU I 7 -2.10 -41.10 -34.88
C LEU I 7 -2.57 -41.70 -33.57
N PRO I 8 -2.09 -42.91 -33.24
CA PRO I 8 -2.45 -43.59 -31.99
C PRO I 8 -1.79 -42.75 -30.91
N CYS I 9 -2.49 -42.55 -29.80
CA CYS I 9 -1.96 -41.73 -28.72
C CYS I 9 -2.24 -42.44 -27.40
N ARG I 10 -1.46 -42.12 -26.36
CA ARG I 10 -1.63 -42.74 -25.05
C ARG I 10 -1.35 -41.75 -23.93
N ILE I 11 -2.16 -41.77 -22.89
CA ILE I 11 -2.00 -40.90 -21.74
C ILE I 11 -1.29 -41.68 -20.64
N LYS I 12 -0.05 -41.30 -20.33
CA LYS I 12 0.71 -41.98 -19.29
C LYS I 12 0.69 -41.16 -18.00
N GLN I 13 0.86 -41.86 -16.88
CA GLN I 13 0.86 -41.20 -15.57
C GLN I 13 2.29 -41.12 -15.00
N ILE I 14 3.10 -42.14 -15.27
CA ILE I 14 4.50 -42.18 -14.81
C ILE I 14 5.31 -41.65 -16.00
N ILE I 15 5.99 -40.51 -15.81
CA ILE I 15 6.79 -39.94 -16.88
C ILE I 15 8.22 -39.60 -16.47
N ASN I 16 9.12 -39.57 -17.44
CA ASN I 16 10.50 -39.18 -17.20
C ASN I 16 10.41 -37.65 -17.29
N MET I 17 10.98 -36.94 -16.32
CA MET I 17 10.93 -35.48 -16.33
C MET I 17 11.80 -34.85 -17.39
N TRP I 18 11.36 -33.67 -17.84
CA TRP I 18 12.10 -32.89 -18.83
C TRP I 18 12.89 -31.79 -18.08
N GLN I 19 12.43 -31.43 -16.89
CA GLN I 19 13.07 -30.40 -16.09
C GLN I 19 14.48 -30.80 -15.69
N LYS I 20 14.57 -31.99 -15.11
CA LYS I 20 15.83 -32.56 -14.64
C LYS I 20 15.69 -34.07 -14.77
N VAL I 21 16.77 -34.82 -14.55
CA VAL I 21 16.71 -36.29 -14.67
C VAL I 21 15.92 -36.90 -13.53
N GLY I 22 14.61 -37.00 -13.72
CA GLY I 22 13.77 -37.57 -12.69
C GLY I 22 12.60 -38.34 -13.28
N LYS I 23 11.72 -38.79 -12.39
CA LYS I 23 10.55 -39.55 -12.75
C LYS I 23 9.41 -38.93 -11.94
N ALA I 24 8.19 -38.96 -12.47
CA ALA I 24 7.05 -38.40 -11.76
C ALA I 24 5.78 -39.18 -12.07
N MET I 25 4.81 -39.14 -11.17
CA MET I 25 3.55 -39.84 -11.35
C MET I 25 2.40 -38.91 -11.04
N TYR I 26 1.45 -38.82 -11.95
CA TYR I 26 0.29 -37.96 -11.75
C TYR I 26 -0.99 -38.80 -11.62
N ALA I 27 -2.06 -38.19 -11.13
CA ALA I 27 -3.32 -38.90 -10.98
C ALA I 27 -3.91 -39.21 -12.34
N PRO I 28 -4.81 -40.21 -12.42
CA PRO I 28 -5.44 -40.58 -13.69
C PRO I 28 -6.46 -39.49 -14.07
N PRO I 29 -6.96 -39.52 -15.31
CA PRO I 29 -7.94 -38.52 -15.72
C PRO I 29 -9.24 -38.56 -14.93
N ILE I 30 -9.96 -37.45 -14.94
CA ILE I 30 -11.27 -37.33 -14.29
C ILE I 30 -12.28 -36.91 -15.36
N SER I 31 -11.78 -36.24 -16.40
CA SER I 31 -12.62 -35.78 -17.50
C SER I 31 -12.74 -36.88 -18.55
N GLY I 32 -13.89 -36.92 -19.22
CA GLY I 32 -14.13 -37.92 -20.25
C GLY I 32 -14.16 -37.26 -21.62
N GLN I 33 -13.66 -36.04 -21.70
CA GLN I 33 -13.61 -35.29 -22.95
C GLN I 33 -12.39 -34.37 -22.97
N ILE I 34 -11.22 -34.97 -22.91
CA ILE I 34 -9.95 -34.22 -22.97
C ILE I 34 -9.84 -33.89 -24.47
N ARG I 35 -9.84 -32.59 -24.79
CA ARG I 35 -9.82 -32.16 -26.19
C ARG I 35 -8.89 -30.99 -26.46
N CYS I 36 -7.89 -31.21 -27.31
CA CYS I 36 -6.94 -30.16 -27.67
C CYS I 36 -6.91 -29.92 -29.17
N SER I 37 -6.59 -28.69 -29.55
CA SER I 37 -6.49 -28.32 -30.96
C SER I 37 -5.28 -27.42 -31.02
N SER I 38 -4.15 -27.97 -31.44
CA SER I 38 -2.93 -27.20 -31.53
C SER I 38 -2.50 -26.97 -32.97
N ASN I 39 -1.69 -25.94 -33.17
CA ASN I 39 -1.19 -25.62 -34.48
C ASN I 39 0.31 -25.96 -34.57
N ILE I 40 0.63 -26.96 -35.38
CA ILE I 40 2.02 -27.30 -35.56
C ILE I 40 2.58 -26.08 -36.24
N THR I 41 3.62 -25.54 -35.63
CA THR I 41 4.29 -24.35 -36.09
C THR I 41 5.72 -24.74 -36.48
N GLY I 42 6.13 -25.94 -36.12
CA GLY I 42 7.47 -26.36 -36.46
C GLY I 42 7.76 -27.84 -36.40
N LEU I 43 9.05 -28.15 -36.28
CA LEU I 43 9.53 -29.51 -36.24
C LEU I 43 10.96 -29.42 -35.70
N LEU I 44 11.37 -30.44 -34.97
CA LEU I 44 12.72 -30.51 -34.42
C LEU I 44 13.22 -31.86 -34.92
N LEU I 45 14.18 -31.85 -35.84
CA LEU I 45 14.69 -33.10 -36.40
C LEU I 45 16.10 -33.48 -35.99
N THR I 46 16.60 -34.52 -36.65
CA THR I 46 17.94 -35.07 -36.46
C THR I 46 18.25 -35.88 -37.72
N ARG I 47 19.52 -35.96 -38.11
CA ARG I 47 19.89 -36.69 -39.31
C ARG I 47 20.77 -37.92 -39.11
N ASP I 48 20.48 -38.98 -39.87
CA ASP I 48 21.26 -40.21 -39.80
C ASP I 48 22.65 -39.89 -40.33
N GLY I 49 23.66 -40.54 -39.78
CA GLY I 49 25.02 -40.29 -40.22
C GLY I 49 25.68 -41.42 -40.96
N GLY I 50 27.02 -41.42 -40.94
CA GLY I 50 27.78 -42.46 -41.61
C GLY I 50 27.55 -42.51 -43.10
N ASN I 51 26.92 -41.46 -43.63
CA ASN I 51 26.58 -41.35 -45.04
C ASN I 51 26.75 -39.89 -45.47
N SER I 52 27.76 -39.25 -44.88
CA SER I 52 28.05 -37.84 -45.15
C SER I 52 28.15 -37.53 -46.65
N ASN I 53 27.44 -36.48 -47.06
CA ASN I 53 27.44 -35.99 -48.45
C ASN I 53 27.03 -36.97 -49.56
N ASN I 54 26.62 -38.18 -49.20
CA ASN I 54 26.22 -39.18 -50.19
C ASN I 54 24.80 -38.92 -50.74
N GLU I 55 24.30 -39.78 -51.62
CA GLU I 55 23.00 -39.61 -52.23
C GLU I 55 21.73 -39.45 -51.39
N SER I 56 21.69 -40.00 -50.19
CA SER I 56 20.48 -39.87 -49.37
C SER I 56 20.77 -39.35 -47.97
N GLU I 57 19.76 -38.73 -47.37
CA GLU I 57 19.89 -38.20 -46.02
C GLU I 57 18.60 -38.52 -45.28
N ILE I 58 18.70 -39.32 -44.22
CA ILE I 58 17.56 -39.71 -43.43
C ILE I 58 17.38 -38.70 -42.30
N PHE I 59 16.14 -38.28 -42.04
CA PHE I 59 15.84 -37.32 -40.98
C PHE I 59 14.75 -37.88 -40.12
N ARG I 60 14.99 -37.91 -38.82
CA ARG I 60 13.99 -38.44 -37.88
C ARG I 60 13.59 -37.35 -36.91
N PRO I 61 12.39 -37.48 -36.31
CA PRO I 61 11.90 -36.51 -35.34
C PRO I 61 12.81 -36.47 -34.11
N GLY I 62 12.79 -35.37 -33.39
CA GLY I 62 13.64 -35.24 -32.23
C GLY I 62 12.96 -34.44 -31.14
N GLY I 63 13.75 -33.81 -30.31
CA GLY I 63 13.21 -33.03 -29.22
C GLY I 63 13.79 -33.58 -27.94
N GLY I 64 13.41 -33.00 -26.81
CA GLY I 64 13.93 -33.46 -25.55
C GLY I 64 14.50 -32.28 -24.78
N ASP I 65 15.36 -31.51 -25.42
CA ASP I 65 15.91 -30.36 -24.75
C ASP I 65 14.87 -29.28 -24.93
N MET I 66 14.15 -28.96 -23.87
CA MET I 66 13.13 -27.92 -23.97
C MET I 66 13.75 -26.58 -24.34
N ARG I 67 15.06 -26.47 -24.20
CA ARG I 67 15.77 -25.24 -24.56
C ARG I 67 15.58 -25.05 -26.04
N ASP I 68 15.67 -26.14 -26.80
CA ASP I 68 15.49 -26.10 -28.24
C ASP I 68 14.09 -25.63 -28.64
N ASN I 69 13.17 -25.55 -27.67
CA ASN I 69 11.80 -25.10 -27.85
C ASN I 69 11.73 -23.60 -27.64
N TRP I 70 12.54 -23.10 -26.71
CA TRP I 70 12.58 -21.68 -26.43
C TRP I 70 13.42 -21.01 -27.54
N ARG I 71 14.46 -21.70 -27.98
CA ARG I 71 15.36 -21.23 -29.03
C ARG I 71 14.66 -20.87 -30.33
N SER I 72 13.60 -21.59 -30.67
CA SER I 72 12.83 -21.34 -31.89
C SER I 72 12.07 -20.02 -31.88
N GLU I 73 11.78 -19.53 -30.69
CA GLU I 73 11.06 -18.27 -30.49
C GLU I 73 11.99 -17.10 -30.18
N LEU I 74 13.09 -17.40 -29.50
CA LEU I 74 14.06 -16.39 -29.11
C LEU I 74 15.27 -16.20 -30.04
N TYR I 75 15.35 -16.98 -31.11
CA TYR I 75 16.47 -16.88 -32.04
C TYR I 75 16.84 -15.46 -32.47
N LYS I 76 15.82 -14.67 -32.81
CA LYS I 76 16.02 -13.30 -33.29
C LYS I 76 16.29 -12.25 -32.23
N TYR I 77 16.54 -12.68 -30.99
CA TYR I 77 16.78 -11.74 -29.90
C TYR I 77 18.14 -11.87 -29.27
N LYS I 78 18.54 -10.86 -28.52
CA LYS I 78 19.84 -10.84 -27.83
C LYS I 78 19.86 -9.72 -26.81
N VAL I 79 20.54 -9.97 -25.69
CA VAL I 79 20.64 -8.99 -24.63
C VAL I 79 22.03 -8.34 -24.67
N VAL I 80 22.06 -7.02 -24.80
CA VAL I 80 23.32 -6.27 -24.85
C VAL I 80 23.41 -5.36 -23.63
N LYS I 81 24.59 -5.23 -23.05
CA LYS I 81 24.74 -4.37 -21.88
C LYS I 81 24.59 -2.90 -22.28
N ILE I 82 23.71 -2.21 -21.57
CA ILE I 82 23.42 -0.79 -21.79
C ILE I 82 23.88 0.00 -20.57
N GLU I 83 24.37 1.22 -20.78
CA GLU I 83 24.83 2.08 -19.69
C GLU I 83 23.68 2.94 -19.15
#